data_3P9L
#
_entry.id   3P9L
#
_cell.length_a   66.990
_cell.length_b   90.410
_cell.length_c   89.740
_cell.angle_alpha   90.000
_cell.angle_beta   111.710
_cell.angle_gamma   90.000
#
_symmetry.space_group_name_H-M   'P 1 21 1'
#
loop_
_entity.id
_entity.type
_entity.pdbx_description
1 polymer 'H-2 class I histocompatibility antigen, K-B alpha chain'
2 polymer Beta-2-microglobulin
3 polymer 'Ovalbumin epitope, SIINFEKL'
4 non-polymer 'CALCIUM ION'
5 water water
#
loop_
_entity_poly.entity_id
_entity_poly.type
_entity_poly.pdbx_seq_one_letter_code
_entity_poly.pdbx_strand_id
1 'polypeptide(L)'
;GPHSLRYFVTAVSRPGLGEPRYMEVGYVDDTEFVRFDSDAENPRYEPRARWMEQEGPEYWERETQKAKGNEQSFRVDLRT
LLGYYNQSKGGSHTIQVISGCEVGSDGRLLRGYQQYAYDGCDYIALNEDLKTWTAADMAALITKHKWEQAGEAERLRAYL
EGTCVEWLRRYLKNGNATLLRTDSPKAHVTHHSRPEDKVTLRCWALGFYPADITLTWQLNGEELIQDMELVETRPAGDGT
FQKWASVVVPLGKEQYYTCHVYHQGLPEPLTLRWEPPP
;
A,D
2 'polypeptide(L)'
;IQKTPQIQVYSRHPPENGKPNILNCYVTQFHPPHIEIQMLKNGKKIPKVEMSDMSFSKDWSFYILAHTEFTPTETDTYAC
RVKHDSMAEPKTVYWDRDM
;
B,E
3 'polypeptide(L)' SIINFEKL C,F
#
# COMPACT_ATOMS: atom_id res chain seq x y z
N GLY A 1 -1.41 -9.75 5.98
CA GLY A 1 -0.89 -9.31 4.70
C GLY A 1 -0.20 -7.97 4.75
N PRO A 2 0.28 -7.49 3.59
CA PRO A 2 0.17 -8.20 2.32
C PRO A 2 1.19 -9.32 2.22
N HIS A 3 0.96 -10.26 1.31
CA HIS A 3 1.96 -11.27 1.03
C HIS A 3 2.08 -11.51 -0.48
N SER A 4 3.16 -12.18 -0.88
CA SER A 4 3.43 -12.40 -2.29
C SER A 4 4.04 -13.76 -2.49
N LEU A 5 3.67 -14.39 -3.60
CA LEU A 5 4.27 -15.64 -4.03
C LEU A 5 4.76 -15.39 -5.44
N ARG A 6 6.08 -15.40 -5.61
CA ARG A 6 6.69 -15.06 -6.88
C ARG A 6 7.59 -16.18 -7.39
N TYR A 7 7.57 -16.38 -8.70
CA TYR A 7 8.50 -17.29 -9.35
C TYR A 7 9.23 -16.59 -10.48
N PHE A 8 10.54 -16.83 -10.52
CA PHE A 8 11.41 -16.29 -11.54
C PHE A 8 11.96 -17.50 -12.28
N VAL A 9 11.74 -17.52 -13.59
CA VAL A 9 12.14 -18.66 -14.41
C VAL A 9 13.12 -18.18 -15.46
N THR A 10 14.18 -18.96 -15.66
CA THR A 10 15.19 -18.66 -16.67
C THR A 10 15.48 -19.93 -17.46
N ALA A 11 15.58 -19.80 -18.78
CA ALA A 11 15.92 -20.89 -19.67
C ALA A 11 16.96 -20.37 -20.64
N VAL A 12 18.15 -20.96 -20.60
CA VAL A 12 19.25 -20.49 -21.42
C VAL A 12 19.82 -21.60 -22.27
N SER A 13 19.82 -21.40 -23.59
CA SER A 13 20.37 -22.40 -24.48
C SER A 13 21.87 -22.21 -24.62
N ARG A 14 22.54 -23.25 -25.09
CA ARG A 14 23.98 -23.21 -25.27
C ARG A 14 24.33 -24.29 -26.28
N PRO A 15 23.98 -24.05 -27.54
CA PRO A 15 24.11 -25.11 -28.56
C PRO A 15 25.52 -25.65 -28.63
N GLY A 16 25.63 -26.97 -28.76
CA GLY A 16 26.92 -27.63 -28.82
C GLY A 16 27.57 -27.81 -27.47
N LEU A 17 27.00 -27.20 -26.43
CA LEU A 17 27.65 -27.22 -25.11
C LEU A 17 26.82 -27.89 -24.02
N GLY A 18 25.71 -28.51 -24.40
CA GLY A 18 24.84 -29.15 -23.43
C GLY A 18 23.39 -28.77 -23.62
N GLU A 19 22.50 -29.33 -22.80
CA GLU A 19 21.09 -28.97 -22.83
C GLU A 19 20.93 -27.55 -22.30
N PRO A 20 19.78 -26.91 -22.60
CA PRO A 20 19.55 -25.59 -22.03
C PRO A 20 19.60 -25.65 -20.52
N ARG A 21 20.07 -24.58 -19.89
CA ARG A 21 20.07 -24.47 -18.43
C ARG A 21 18.76 -23.86 -17.99
N TYR A 22 18.02 -24.57 -17.14
CA TYR A 22 16.68 -24.17 -16.74
C TYR A 22 16.63 -23.98 -15.24
N MET A 23 15.92 -22.94 -14.80
CA MET A 23 15.90 -22.61 -13.38
C MET A 23 14.52 -22.08 -12.99
N GLU A 24 13.98 -22.58 -11.87
CA GLU A 24 12.80 -21.99 -11.27
C GLU A 24 13.21 -21.51 -9.88
N VAL A 25 12.95 -20.25 -9.57
CA VAL A 25 13.29 -19.73 -8.25
C VAL A 25 12.03 -19.10 -7.66
N GLY A 26 11.65 -19.57 -6.47
CA GLY A 26 10.44 -19.07 -5.84
C GLY A 26 10.71 -18.22 -4.62
N TYR A 27 9.93 -17.15 -4.47
CA TYR A 27 10.05 -16.25 -3.33
C TYR A 27 8.73 -16.10 -2.59
N VAL A 28 8.72 -16.37 -1.29
CA VAL A 28 7.60 -15.95 -0.46
C VAL A 28 8.00 -14.64 0.22
N ASP A 29 7.28 -13.58 -0.13
CA ASP A 29 7.57 -12.24 0.34
C ASP A 29 9.02 -11.85 0.11
N ASP A 30 9.47 -12.03 -1.13
CA ASP A 30 10.77 -11.56 -1.58
C ASP A 30 11.93 -12.30 -0.94
N THR A 31 11.64 -13.42 -0.30
CA THR A 31 12.67 -14.26 0.28
C THR A 31 12.62 -15.63 -0.38
N GLU A 32 13.73 -16.05 -0.99
CA GLU A 32 13.76 -17.31 -1.72
C GLU A 32 13.47 -18.50 -0.80
N PHE A 33 12.53 -19.36 -1.19
CA PHE A 33 12.17 -20.51 -0.35
C PHE A 33 12.27 -21.86 -1.07
N VAL A 34 12.33 -21.82 -2.41
CA VAL A 34 12.49 -23.04 -3.21
C VAL A 34 13.30 -22.74 -4.46
N ARG A 35 13.89 -23.78 -5.04
CA ARG A 35 14.68 -23.60 -6.25
C ARG A 35 14.84 -24.91 -6.98
N PHE A 36 14.66 -24.86 -8.29
CA PHE A 36 14.97 -26.00 -9.13
C PHE A 36 16.05 -25.55 -10.10
N ASP A 37 17.16 -26.29 -10.14
CA ASP A 37 18.26 -25.97 -11.02
C ASP A 37 18.50 -27.23 -11.86
N SER A 38 18.27 -27.12 -13.16
CA SER A 38 18.36 -28.28 -14.04
C SER A 38 19.81 -28.74 -14.24
N ASP A 39 20.76 -27.90 -13.86
CA ASP A 39 22.17 -28.19 -14.17
C ASP A 39 22.77 -29.20 -13.19
N ALA A 40 22.19 -30.41 -13.16
CA ALA A 40 22.63 -31.49 -12.28
C ALA A 40 22.19 -32.87 -12.80
N GLU A 41 22.81 -33.92 -12.29
CA GLU A 41 22.56 -35.29 -12.75
C GLU A 41 21.18 -35.80 -12.38
N ASN A 42 20.75 -35.45 -11.18
CA ASN A 42 19.42 -35.84 -10.70
C ASN A 42 18.76 -34.61 -10.09
N PRO A 43 18.38 -33.64 -10.94
CA PRO A 43 17.88 -32.35 -10.43
C PRO A 43 16.57 -32.50 -9.68
N ARG A 44 16.44 -31.76 -8.58
CA ARG A 44 15.29 -31.85 -7.69
C ARG A 44 14.92 -30.47 -7.19
N TYR A 45 13.62 -30.21 -7.03
CA TYR A 45 13.22 -29.03 -6.27
C TYR A 45 13.76 -29.23 -4.88
N GLU A 46 14.35 -28.18 -4.32
CA GLU A 46 14.94 -28.24 -3.00
C GLU A 46 14.42 -27.08 -2.16
N PRO A 47 14.23 -27.31 -0.86
CA PRO A 47 13.86 -26.20 0.03
C PRO A 47 15.05 -25.26 0.20
N ARG A 48 14.80 -23.96 0.11
CA ARG A 48 15.85 -22.95 0.23
C ARG A 48 15.68 -22.13 1.51
N ALA A 49 14.63 -22.44 2.27
CA ALA A 49 14.44 -21.90 3.61
C ALA A 49 14.10 -23.08 4.51
N ARG A 50 14.73 -23.14 5.68
CA ARG A 50 14.63 -24.31 6.52
C ARG A 50 13.19 -24.60 6.95
N TRP A 51 12.38 -23.56 7.05
CA TRP A 51 10.96 -23.76 7.37
C TRP A 51 10.25 -24.61 6.32
N MET A 52 10.68 -24.49 5.07
CA MET A 52 10.09 -25.29 3.99
C MET A 52 10.36 -26.79 4.11
N GLU A 53 11.23 -27.17 5.04
CA GLU A 53 11.53 -28.59 5.25
C GLU A 53 10.30 -29.29 5.82
N GLN A 54 9.38 -28.50 6.35
CA GLN A 54 8.11 -29.01 6.85
C GLN A 54 7.38 -29.80 5.77
N GLU A 55 7.57 -29.40 4.52
CA GLU A 55 6.88 -30.07 3.42
C GLU A 55 7.43 -31.49 3.22
N GLY A 56 6.53 -32.43 3.00
CA GLY A 56 6.89 -33.84 2.91
C GLY A 56 7.34 -34.26 1.54
N PRO A 57 7.87 -35.49 1.46
CA PRO A 57 8.45 -36.03 0.22
C PRO A 57 7.50 -35.90 -0.96
N GLU A 58 6.20 -35.94 -0.67
CA GLU A 58 5.20 -35.91 -1.74
C GLU A 58 5.18 -34.55 -2.44
N TYR A 59 5.51 -33.51 -1.69
CA TYR A 59 5.57 -32.16 -2.24
C TYR A 59 6.74 -32.04 -3.22
N TRP A 60 7.92 -32.44 -2.77
CA TRP A 60 9.13 -32.30 -3.57
C TRP A 60 9.07 -33.16 -4.82
N GLU A 61 8.51 -34.34 -4.71
CA GLU A 61 8.34 -35.20 -5.87
C GLU A 61 7.47 -34.49 -6.92
N ARG A 62 6.29 -34.08 -6.49
CA ARG A 62 5.34 -33.44 -7.39
C ARG A 62 5.95 -32.19 -8.00
N GLU A 63 6.53 -31.33 -7.16
CA GLU A 63 7.16 -30.10 -7.64
C GLU A 63 8.31 -30.41 -8.59
N THR A 64 9.09 -31.43 -8.28
CA THR A 64 10.21 -31.78 -9.13
C THR A 64 9.72 -32.24 -10.50
N GLN A 65 8.74 -33.14 -10.50
CA GLN A 65 8.24 -33.64 -11.77
C GLN A 65 7.57 -32.53 -12.60
N LYS A 66 6.88 -31.61 -11.94
CA LYS A 66 6.31 -30.47 -12.65
C LYS A 66 7.41 -29.57 -13.25
N ALA A 67 8.48 -29.40 -12.49
CA ALA A 67 9.60 -28.57 -12.94
C ALA A 67 10.26 -29.16 -14.19
N LYS A 68 10.42 -30.47 -14.20
CA LYS A 68 11.07 -31.14 -15.33
C LYS A 68 10.15 -31.08 -16.55
N GLY A 69 8.85 -31.11 -16.29
CA GLY A 69 7.88 -30.94 -17.36
C GLY A 69 7.99 -29.53 -17.93
N ASN A 70 8.01 -28.54 -17.05
CA ASN A 70 8.21 -27.16 -17.48
C ASN A 70 9.49 -27.00 -18.28
N GLU A 71 10.57 -27.58 -17.75
CA GLU A 71 11.87 -27.49 -18.41
C GLU A 71 11.82 -27.95 -19.85
N GLN A 72 11.13 -29.07 -20.07
N GLN A 72 11.12 -29.05 -20.10
CA GLN A 72 11.04 -29.69 -21.40
CA GLN A 72 11.12 -29.64 -21.43
C GLN A 72 10.25 -28.78 -22.32
C GLN A 72 10.19 -28.86 -22.36
N SER A 73 9.15 -28.25 -21.79
CA SER A 73 8.31 -27.34 -22.54
C SER A 73 9.13 -26.12 -23.00
N PHE A 74 9.99 -25.62 -22.12
CA PHE A 74 10.84 -24.49 -22.48
C PHE A 74 11.93 -24.84 -23.51
N ARG A 75 12.46 -26.05 -23.40
CA ARG A 75 13.36 -26.57 -24.43
C ARG A 75 12.70 -26.36 -25.80
N VAL A 76 11.43 -26.71 -25.89
CA VAL A 76 10.66 -26.57 -27.12
C VAL A 76 10.44 -25.11 -27.53
N ASP A 77 10.04 -24.29 -26.57
CA ASP A 77 9.85 -22.87 -26.81
C ASP A 77 11.08 -22.22 -27.40
N LEU A 78 12.25 -22.57 -26.88
CA LEU A 78 13.51 -22.03 -27.40
C LEU A 78 13.67 -22.30 -28.89
N ARG A 79 13.32 -23.51 -29.32
CA ARG A 79 13.36 -23.83 -30.74
C ARG A 79 12.27 -23.08 -31.49
N THR A 80 11.07 -22.99 -30.90
CA THR A 80 9.97 -22.28 -31.52
C THR A 80 10.38 -20.83 -31.85
N LEU A 81 11.00 -20.18 -30.87
CA LEU A 81 11.42 -18.78 -31.02
C LEU A 81 12.48 -18.55 -32.09
N LEU A 82 13.41 -19.47 -32.26
CA LEU A 82 14.36 -19.34 -33.37
C LEU A 82 13.59 -19.18 -34.68
N GLY A 83 12.56 -20.00 -34.86
CA GLY A 83 11.72 -19.93 -36.04
C GLY A 83 11.02 -18.58 -36.15
N TYR A 84 10.28 -18.22 -35.11
CA TYR A 84 9.58 -16.94 -35.09
C TYR A 84 10.48 -15.78 -35.52
N TYR A 85 11.74 -15.82 -35.09
CA TYR A 85 12.62 -14.67 -35.28
C TYR A 85 13.63 -14.84 -36.40
N ASN A 86 13.58 -15.97 -37.08
CA ASN A 86 14.53 -16.29 -38.14
C ASN A 86 15.95 -16.20 -37.62
N GLN A 87 16.25 -16.91 -36.53
CA GLN A 87 17.58 -16.88 -35.94
C GLN A 87 18.37 -18.15 -36.23
N SER A 88 19.70 -18.02 -36.27
CA SER A 88 20.58 -19.17 -36.39
C SER A 88 20.38 -20.17 -35.26
N LYS A 89 20.73 -21.42 -35.51
CA LYS A 89 20.57 -22.48 -34.54
C LYS A 89 21.75 -22.53 -33.57
N GLY A 90 22.79 -21.75 -33.86
CA GLY A 90 24.05 -21.88 -33.15
C GLY A 90 24.25 -20.99 -31.93
N GLY A 91 23.40 -19.98 -31.76
CA GLY A 91 23.62 -19.01 -30.70
C GLY A 91 22.86 -19.28 -29.42
N SER A 92 23.33 -18.70 -28.32
CA SER A 92 22.64 -18.80 -27.04
C SER A 92 21.50 -17.80 -26.97
N HIS A 93 20.36 -18.24 -26.45
CA HIS A 93 19.25 -17.32 -26.23
C HIS A 93 18.64 -17.58 -24.87
N THR A 94 17.85 -16.64 -24.38
CA THR A 94 17.26 -16.78 -23.07
C THR A 94 15.77 -16.48 -23.09
N ILE A 95 15.02 -17.30 -22.38
CA ILE A 95 13.64 -16.96 -22.04
C ILE A 95 13.58 -16.71 -20.54
N GLN A 96 12.89 -15.66 -20.14
CA GLN A 96 12.65 -15.42 -18.73
C GLN A 96 11.17 -15.25 -18.50
N VAL A 97 10.72 -15.67 -17.32
CA VAL A 97 9.34 -15.48 -16.96
C VAL A 97 9.28 -15.04 -15.54
N ILE A 98 8.32 -14.18 -15.26
CA ILE A 98 7.96 -13.80 -13.90
C ILE A 98 6.48 -14.12 -13.77
N SER A 99 6.13 -14.90 -12.75
CA SER A 99 4.78 -15.42 -12.58
C SER A 99 4.48 -15.40 -11.09
N GLY A 100 3.31 -14.91 -10.71
CA GLY A 100 2.97 -14.88 -9.30
C GLY A 100 1.74 -14.07 -8.93
N CYS A 101 1.50 -14.01 -7.63
CA CYS A 101 0.33 -13.33 -7.10
C CYS A 101 0.73 -12.49 -5.91
N GLU A 102 0.23 -11.26 -5.88
CA GLU A 102 0.32 -10.43 -4.67
C GLU A 102 -1.06 -10.41 -4.02
N VAL A 103 -1.10 -10.70 -2.73
CA VAL A 103 -2.36 -10.91 -2.00
C VAL A 103 -2.48 -9.92 -0.83
N GLY A 104 -3.62 -9.24 -0.73
CA GLY A 104 -3.82 -8.22 0.29
C GLY A 104 -4.04 -8.81 1.68
N SER A 105 -4.16 -7.94 2.68
CA SER A 105 -4.31 -8.39 4.05
C SER A 105 -5.62 -9.16 4.26
N ASP A 106 -6.55 -8.99 3.32
CA ASP A 106 -7.85 -9.65 3.40
C ASP A 106 -7.84 -11.00 2.70
N GLY A 107 -6.67 -11.40 2.21
CA GLY A 107 -6.53 -12.69 1.56
C GLY A 107 -6.99 -12.75 0.12
N ARG A 108 -7.36 -11.61 -0.46
CA ARG A 108 -7.80 -11.53 -1.86
C ARG A 108 -6.64 -11.11 -2.78
N LEU A 109 -6.69 -11.58 -4.03
CA LEU A 109 -5.66 -11.24 -5.01
C LEU A 109 -5.64 -9.73 -5.30
N LEU A 110 -4.54 -9.07 -4.95
CA LEU A 110 -4.30 -7.68 -5.34
C LEU A 110 -3.86 -7.59 -6.80
N ARG A 111 -2.87 -8.40 -7.16
CA ARG A 111 -2.34 -8.37 -8.51
C ARG A 111 -1.77 -9.72 -8.85
N GLY A 112 -2.08 -10.19 -10.05
CA GLY A 112 -1.54 -11.44 -10.55
C GLY A 112 -0.75 -11.11 -11.79
N TYR A 113 0.36 -11.81 -12.02
CA TYR A 113 1.13 -11.48 -13.21
C TYR A 113 1.76 -12.71 -13.86
N GLN A 114 2.07 -12.55 -15.14
CA GLN A 114 2.61 -13.62 -15.96
C GLN A 114 3.21 -12.95 -17.16
N GLN A 115 4.52 -12.71 -17.11
CA GLN A 115 5.19 -11.97 -18.17
CA GLN A 115 5.19 -11.98 -18.18
C GLN A 115 6.44 -12.70 -18.64
N TYR A 116 6.68 -12.63 -19.95
CA TYR A 116 7.80 -13.29 -20.58
C TYR A 116 8.72 -12.28 -21.22
N ALA A 117 10.01 -12.64 -21.32
CA ALA A 117 11.00 -11.88 -22.05
C ALA A 117 11.86 -12.85 -22.85
N TYR A 118 12.25 -12.46 -24.06
CA TYR A 118 13.15 -13.28 -24.86
C TYR A 118 14.38 -12.45 -25.13
N ASP A 119 15.55 -13.01 -24.83
CA ASP A 119 16.82 -12.30 -24.95
C ASP A 119 16.82 -10.93 -24.23
N GLY A 120 16.18 -10.87 -23.07
CA GLY A 120 16.20 -9.67 -22.25
C GLY A 120 15.23 -8.56 -22.64
N CYS A 121 14.28 -8.87 -23.51
CA CYS A 121 13.31 -7.87 -23.95
C CYS A 121 11.91 -8.42 -23.78
N ASP A 122 10.97 -7.54 -23.41
CA ASP A 122 9.57 -7.91 -23.30
C ASP A 122 9.18 -8.76 -24.49
N TYR A 123 8.44 -9.84 -24.22
CA TYR A 123 7.88 -10.68 -25.28
C TYR A 123 6.35 -10.64 -25.23
N ILE A 124 5.79 -11.14 -24.15
CA ILE A 124 4.36 -11.10 -23.96
C ILE A 124 4.02 -11.04 -22.47
N ALA A 125 2.89 -10.43 -22.13
CA ALA A 125 2.50 -10.27 -20.73
C ALA A 125 0.99 -10.37 -20.59
N LEU A 126 0.52 -11.10 -19.58
CA LEU A 126 -0.88 -11.05 -19.21
C LEU A 126 -1.21 -9.69 -18.63
N ASN A 127 -2.24 -9.04 -19.17
CA ASN A 127 -2.67 -7.74 -18.65
C ASN A 127 -3.33 -7.85 -17.28
N GLU A 128 -3.40 -6.71 -16.60
CA GLU A 128 -3.95 -6.61 -15.24
C GLU A 128 -5.37 -7.17 -15.13
N ASP A 129 -6.14 -7.07 -16.22
CA ASP A 129 -7.50 -7.59 -16.24
C ASP A 129 -7.53 -9.11 -16.12
N LEU A 130 -6.36 -9.74 -16.13
CA LEU A 130 -6.29 -11.20 -16.16
C LEU A 130 -7.12 -11.79 -17.29
N LYS A 131 -7.31 -11.02 -18.36
CA LYS A 131 -8.14 -11.46 -19.48
C LYS A 131 -7.49 -11.25 -20.85
N THR A 132 -6.60 -10.28 -20.98
CA THR A 132 -5.96 -10.03 -22.28
C THR A 132 -4.43 -10.00 -22.21
N TRP A 133 -3.80 -10.09 -23.39
CA TRP A 133 -2.35 -10.17 -23.51
C TRP A 133 -1.76 -8.95 -24.18
N THR A 134 -0.58 -8.53 -23.73
CA THR A 134 0.16 -7.52 -24.46
C THR A 134 1.36 -8.17 -25.14
N ALA A 135 1.34 -8.19 -26.47
CA ALA A 135 2.46 -8.73 -27.26
C ALA A 135 3.41 -7.59 -27.64
N ALA A 136 4.72 -7.78 -27.44
CA ALA A 136 5.67 -6.68 -27.56
C ALA A 136 6.18 -6.49 -28.98
N ASP A 137 6.01 -7.52 -29.80
CA ASP A 137 6.51 -7.51 -31.17
C ASP A 137 5.75 -8.46 -32.05
N MET A 138 6.22 -8.60 -33.29
N MET A 138 6.18 -8.60 -33.30
CA MET A 138 5.53 -9.38 -34.32
CA MET A 138 5.44 -9.40 -34.28
C MET A 138 5.49 -10.88 -33.99
C MET A 138 5.47 -10.90 -33.96
N ALA A 139 6.57 -11.39 -33.41
CA ALA A 139 6.64 -12.80 -33.06
C ALA A 139 5.68 -13.13 -31.92
N ALA A 140 5.63 -12.23 -30.94
CA ALA A 140 4.72 -12.38 -29.80
C ALA A 140 3.25 -12.40 -30.21
N LEU A 141 2.91 -11.76 -31.32
CA LEU A 141 1.53 -11.86 -31.83
C LEU A 141 1.14 -13.30 -32.13
N ILE A 142 2.11 -14.11 -32.55
CA ILE A 142 1.81 -15.49 -32.86
C ILE A 142 1.39 -16.23 -31.59
N THR A 143 2.19 -16.09 -30.55
CA THR A 143 1.88 -16.67 -29.25
C THR A 143 0.53 -16.17 -28.75
N LYS A 144 0.33 -14.86 -28.86
CA LYS A 144 -0.89 -14.22 -28.40
C LYS A 144 -2.13 -14.86 -29.02
N HIS A 145 -2.13 -15.01 -30.34
CA HIS A 145 -3.29 -15.56 -31.03
CA HIS A 145 -3.29 -15.57 -31.03
C HIS A 145 -3.53 -17.01 -30.61
N LYS A 146 -2.45 -17.78 -30.47
CA LYS A 146 -2.55 -19.17 -30.03
C LYS A 146 -3.13 -19.25 -28.61
N TRP A 147 -2.74 -18.32 -27.74
CA TRP A 147 -3.19 -18.35 -26.36
C TRP A 147 -4.64 -17.85 -26.24
N GLU A 148 -5.00 -16.89 -27.07
CA GLU A 148 -6.38 -16.39 -27.10
C GLU A 148 -7.32 -17.50 -27.53
N GLN A 149 -6.93 -18.23 -28.57
CA GLN A 149 -7.72 -19.35 -29.06
C GLN A 149 -7.91 -20.45 -28.02
N ALA A 150 -6.85 -20.76 -27.28
CA ALA A 150 -6.89 -21.86 -26.32
C ALA A 150 -7.45 -21.41 -24.98
N GLY A 151 -7.80 -20.13 -24.87
CA GLY A 151 -8.24 -19.57 -23.60
C GLY A 151 -7.18 -19.67 -22.51
N GLU A 152 -5.94 -19.29 -22.83
CA GLU A 152 -4.84 -19.35 -21.86
C GLU A 152 -5.02 -18.36 -20.71
N ALA A 153 -5.58 -17.19 -20.99
CA ALA A 153 -5.81 -16.19 -19.96
C ALA A 153 -6.73 -16.74 -18.87
N GLU A 154 -7.74 -17.50 -19.27
CA GLU A 154 -8.69 -18.03 -18.31
C GLU A 154 -8.01 -19.07 -17.42
N ARG A 155 -7.17 -19.91 -18.01
CA ARG A 155 -6.36 -20.84 -17.24
C ARG A 155 -5.47 -20.10 -16.22
N LEU A 156 -4.89 -18.99 -16.65
CA LEU A 156 -4.03 -18.17 -15.78
C LEU A 156 -4.81 -17.49 -14.67
N ARG A 157 -5.97 -16.93 -15.01
CA ARG A 157 -6.77 -16.29 -13.98
C ARG A 157 -7.11 -17.28 -12.86
N ALA A 158 -7.46 -18.50 -13.26
CA ALA A 158 -7.85 -19.54 -12.31
C ALA A 158 -6.69 -19.89 -11.41
N TYR A 159 -5.50 -20.00 -11.99
CA TYR A 159 -4.31 -20.26 -11.21
C TYR A 159 -4.02 -19.07 -10.30
N LEU A 160 -4.08 -17.86 -10.85
CA LEU A 160 -3.68 -16.69 -10.08
C LEU A 160 -4.60 -16.43 -8.90
N GLU A 161 -5.91 -16.51 -9.16
CA GLU A 161 -6.92 -16.25 -8.15
C GLU A 161 -7.11 -17.41 -7.18
N GLY A 162 -6.74 -18.61 -7.58
CA GLY A 162 -6.98 -19.76 -6.72
C GLY A 162 -5.72 -20.43 -6.21
N THR A 163 -5.16 -21.30 -7.05
CA THR A 163 -3.95 -22.05 -6.73
C THR A 163 -2.86 -21.19 -6.11
N CYS A 164 -2.45 -20.14 -6.81
CA CYS A 164 -1.36 -19.30 -6.34
C CYS A 164 -1.66 -18.80 -4.91
N VAL A 165 -2.86 -18.29 -4.72
CA VAL A 165 -3.33 -17.73 -3.45
C VAL A 165 -3.38 -18.79 -2.35
N GLU A 166 -3.88 -19.97 -2.69
CA GLU A 166 -4.05 -21.06 -1.73
C GLU A 166 -2.70 -21.62 -1.30
N TRP A 167 -1.77 -21.74 -2.23
CA TRP A 167 -0.44 -22.18 -1.89
C TRP A 167 0.27 -21.17 -1.01
N LEU A 168 0.15 -19.88 -1.36
CA LEU A 168 0.79 -18.84 -0.57
C LEU A 168 0.34 -18.92 0.89
N ARG A 169 -0.96 -19.09 1.07
CA ARG A 169 -1.52 -19.26 2.40
C ARG A 169 -0.82 -20.41 3.13
N ARG A 170 -0.78 -21.58 2.49
CA ARG A 170 -0.16 -22.78 3.07
C ARG A 170 1.32 -22.62 3.41
N TYR A 171 2.05 -21.92 2.55
CA TYR A 171 3.47 -21.67 2.79
C TYR A 171 3.64 -20.79 4.02
N LEU A 172 2.78 -19.77 4.11
CA LEU A 172 2.79 -18.83 5.23
C LEU A 172 2.57 -19.49 6.59
N LYS A 173 1.61 -20.40 6.68
CA LYS A 173 1.40 -21.14 7.93
C LYS A 173 2.69 -21.78 8.44
N ASN A 174 3.65 -21.96 7.55
CA ASN A 174 4.90 -22.61 7.91
C ASN A 174 6.05 -21.64 8.17
N GLY A 175 6.03 -20.49 7.50
CA GLY A 175 7.16 -19.59 7.57
C GLY A 175 6.87 -18.10 7.65
N ASN A 176 5.66 -17.73 8.03
CA ASN A 176 5.31 -16.32 8.19
C ASN A 176 5.90 -15.74 9.47
N ALA A 177 5.74 -14.43 9.65
CA ALA A 177 6.35 -13.68 10.73
C ALA A 177 7.85 -13.56 10.49
N THR A 178 8.36 -14.48 9.68
CA THR A 178 9.75 -14.46 9.24
C THR A 178 9.90 -13.36 8.21
N LEU A 179 8.92 -13.30 7.31
CA LEU A 179 8.94 -12.35 6.20
C LEU A 179 8.81 -10.93 6.72
N LEU A 180 8.32 -10.79 7.95
CA LEU A 180 8.17 -9.49 8.57
C LEU A 180 9.51 -8.98 9.10
N ARG A 181 10.54 -9.82 9.00
CA ARG A 181 11.86 -9.46 9.50
C ARG A 181 12.27 -8.07 9.06
N THR A 182 12.75 -7.28 10.02
CA THR A 182 13.20 -5.93 9.75
C THR A 182 14.50 -5.65 10.48
N ASP A 183 15.50 -5.14 9.75
CA ASP A 183 16.74 -4.69 10.38
C ASP A 183 16.98 -3.23 10.07
N SER A 184 17.08 -2.44 11.13
CA SER A 184 17.23 -1.01 11.01
C SER A 184 18.65 -0.64 10.64
N PRO A 185 18.80 0.40 9.80
CA PRO A 185 20.11 0.91 9.38
C PRO A 185 20.81 1.55 10.57
N LYS A 186 22.13 1.39 10.63
CA LYS A 186 22.96 2.23 11.49
C LYS A 186 23.73 3.17 10.56
N ALA A 187 23.76 4.46 10.93
CA ALA A 187 24.36 5.49 10.09
C ALA A 187 25.56 6.18 10.73
N HIS A 188 26.47 6.66 9.88
CA HIS A 188 27.55 7.55 10.33
C HIS A 188 28.02 8.40 9.17
N VAL A 189 28.59 9.55 9.47
CA VAL A 189 29.13 10.44 8.45
C VAL A 189 30.66 10.40 8.45
N THR A 190 31.27 10.21 7.27
CA THR A 190 32.71 10.33 7.12
C THR A 190 33.07 11.60 6.38
N HIS A 191 34.32 12.01 6.51
CA HIS A 191 34.79 13.30 6.04
C HIS A 191 35.97 13.05 5.13
N HIS A 192 35.97 13.67 3.94
CA HIS A 192 37.02 13.42 2.95
C HIS A 192 37.45 14.68 2.22
N SER A 193 38.75 14.81 1.98
CA SER A 193 39.30 16.02 1.35
C SER A 193 38.89 16.22 -0.11
N ARG A 194 38.92 17.48 -0.53
CA ARG A 194 38.78 17.85 -1.93
C ARG A 194 39.81 18.95 -2.22
N PRO A 195 40.10 19.20 -3.50
CA PRO A 195 41.03 20.30 -3.81
C PRO A 195 40.51 21.63 -3.27
N GLU A 196 41.43 22.54 -3.00
CA GLU A 196 41.06 23.88 -2.54
C GLU A 196 40.33 23.82 -1.21
N ASP A 197 39.27 24.63 -1.11
CA ASP A 197 38.59 24.83 0.16
C ASP A 197 37.27 24.06 0.21
N LYS A 198 37.23 22.88 -0.39
CA LYS A 198 36.02 22.05 -0.38
C LYS A 198 36.29 20.72 0.32
N VAL A 199 35.26 20.15 0.93
CA VAL A 199 35.36 18.83 1.52
C VAL A 199 34.13 18.01 1.18
N THR A 200 34.24 16.69 1.31
CA THR A 200 33.12 15.80 1.05
C THR A 200 32.61 15.19 2.35
N LEU A 201 31.29 15.22 2.51
CA LEU A 201 30.62 14.58 3.64
C LEU A 201 29.82 13.41 3.08
N ARG A 202 30.06 12.23 3.61
CA ARG A 202 29.47 10.99 3.10
C ARG A 202 28.70 10.37 4.23
N CYS A 203 27.39 10.23 4.02
CA CYS A 203 26.51 9.70 5.04
C CYS A 203 26.25 8.24 4.71
N TRP A 204 26.67 7.34 5.59
CA TRP A 204 26.56 5.90 5.31
C TRP A 204 25.37 5.31 6.05
N ALA A 205 24.69 4.36 5.42
CA ALA A 205 23.71 3.53 6.12
C ALA A 205 24.10 2.08 5.97
N LEU A 206 24.20 1.35 7.09
CA LEU A 206 24.66 -0.03 7.04
C LEU A 206 23.76 -0.99 7.81
N GLY A 207 23.73 -2.24 7.38
CA GLY A 207 23.08 -3.32 8.11
C GLY A 207 21.56 -3.34 8.11
N PHE A 208 20.95 -2.84 7.05
CA PHE A 208 19.49 -2.75 7.05
C PHE A 208 18.82 -3.76 6.14
N TYR A 209 17.57 -4.06 6.45
CA TYR A 209 16.75 -4.91 5.60
C TYR A 209 15.29 -4.62 5.90
N PRO A 210 14.46 -4.53 4.85
CA PRO A 210 14.79 -4.77 3.44
C PRO A 210 15.58 -3.63 2.79
N ALA A 211 15.86 -3.73 1.50
CA ALA A 211 16.78 -2.80 0.81
C ALA A 211 16.25 -1.36 0.63
N ASP A 212 14.92 -1.21 0.64
CA ASP A 212 14.29 0.08 0.44
C ASP A 212 14.71 1.05 1.53
N ILE A 213 15.29 2.17 1.11
CA ILE A 213 15.77 3.17 2.07
C ILE A 213 15.90 4.50 1.32
N THR A 214 15.96 5.59 2.08
CA THR A 214 16.21 6.89 1.46
C THR A 214 17.21 7.65 2.33
N LEU A 215 18.20 8.27 1.68
CA LEU A 215 19.17 9.12 2.37
C LEU A 215 19.07 10.50 1.77
N THR A 216 19.06 11.53 2.62
CA THR A 216 19.03 12.90 2.12
C THR A 216 20.02 13.75 2.90
N TRP A 217 20.51 14.79 2.26
CA TRP A 217 21.29 15.81 2.93
C TRP A 217 20.48 17.10 2.91
N GLN A 218 20.51 17.82 4.02
CA GLN A 218 19.82 19.09 4.12
C GLN A 218 20.82 20.16 4.53
N LEU A 219 20.77 21.29 3.83
CA LEU A 219 21.44 22.50 4.30
C LEU A 219 20.38 23.35 5.00
N ASN A 220 20.58 23.56 6.28
N ASN A 220 20.55 23.54 6.30
CA ASN A 220 19.67 24.36 7.09
CA ASN A 220 19.68 24.37 7.13
C ASN A 220 18.21 24.12 6.67
C ASN A 220 18.18 24.10 7.07
N GLY A 221 17.79 22.86 6.75
CA GLY A 221 16.38 22.51 6.66
C GLY A 221 15.80 22.19 5.30
N GLU A 222 16.58 22.35 4.24
CA GLU A 222 16.06 22.07 2.90
C GLU A 222 16.91 21.03 2.17
N GLU A 223 16.29 19.93 1.75
CA GLU A 223 16.98 18.83 1.06
C GLU A 223 17.75 19.32 -0.15
N LEU A 224 18.99 18.86 -0.27
CA LEU A 224 19.86 19.29 -1.36
C LEU A 224 19.56 18.52 -2.64
N ILE A 225 18.47 18.92 -3.30
CA ILE A 225 18.05 18.27 -4.54
C ILE A 225 18.91 18.74 -5.71
N GLN A 226 20.18 18.33 -5.69
CA GLN A 226 21.14 18.65 -6.74
C GLN A 226 22.54 18.42 -6.21
N ASP A 227 23.40 17.87 -7.05
CA ASP A 227 24.80 17.68 -6.68
C ASP A 227 25.00 16.71 -5.52
N MET A 228 23.94 16.05 -5.06
CA MET A 228 24.13 14.99 -4.09
C MET A 228 24.55 13.73 -4.83
N GLU A 229 25.69 13.16 -4.46
CA GLU A 229 26.13 11.90 -5.07
C GLU A 229 25.74 10.69 -4.20
N LEU A 230 25.32 9.61 -4.84
CA LEU A 230 24.97 8.40 -4.10
C LEU A 230 25.40 7.12 -4.82
N VAL A 231 25.30 5.99 -4.14
CA VAL A 231 25.44 4.70 -4.81
C VAL A 231 24.13 3.95 -4.80
N GLU A 232 23.94 3.09 -5.79
CA GLU A 232 22.79 2.18 -5.78
C GLU A 232 22.93 1.33 -4.54
N THR A 233 21.81 1.08 -3.86
CA THR A 233 21.82 0.21 -2.69
C THR A 233 22.43 -1.15 -3.02
N ARG A 234 23.21 -1.69 -2.09
CA ARG A 234 24.02 -2.88 -2.40
C ARG A 234 24.06 -3.87 -1.23
N PRO A 235 24.09 -5.17 -1.56
CA PRO A 235 24.13 -6.21 -0.53
C PRO A 235 25.47 -6.27 0.18
N ALA A 236 25.43 -6.39 1.51
CA ALA A 236 26.63 -6.60 2.31
C ALA A 236 27.10 -8.04 2.17
N GLY A 237 26.19 -8.92 1.75
CA GLY A 237 26.56 -10.32 1.58
C GLY A 237 26.13 -11.16 2.78
N ASP A 238 25.60 -10.50 3.80
CA ASP A 238 25.13 -11.22 4.99
C ASP A 238 23.63 -11.11 5.15
N GLY A 239 22.95 -10.69 4.08
CA GLY A 239 21.51 -10.53 4.10
C GLY A 239 21.05 -9.10 4.32
N THR A 240 21.99 -8.22 4.67
CA THR A 240 21.67 -6.82 4.87
C THR A 240 22.22 -5.99 3.72
N PHE A 241 21.85 -4.71 3.72
CA PHE A 241 22.18 -3.81 2.62
C PHE A 241 22.90 -2.56 3.07
N GLN A 242 23.57 -1.91 2.11
CA GLN A 242 24.30 -0.67 2.36
C GLN A 242 23.88 0.40 1.37
N LYS A 243 24.03 1.66 1.77
CA LYS A 243 23.96 2.75 0.83
C LYS A 243 24.72 3.92 1.42
N TRP A 244 25.18 4.83 0.55
CA TRP A 244 25.63 6.12 1.04
C TRP A 244 25.21 7.26 0.13
N ALA A 245 25.19 8.45 0.70
CA ALA A 245 24.93 9.67 -0.08
C ALA A 245 25.94 10.69 0.39
N SER A 246 26.50 11.46 -0.55
CA SER A 246 27.50 12.45 -0.18
C SER A 246 27.23 13.80 -0.84
N VAL A 247 27.78 14.85 -0.23
CA VAL A 247 27.68 16.19 -0.78
C VAL A 247 29.05 16.84 -0.61
N VAL A 248 29.41 17.74 -1.53
CA VAL A 248 30.61 18.55 -1.39
C VAL A 248 30.21 19.86 -0.74
N VAL A 249 30.91 20.25 0.32
CA VAL A 249 30.54 21.46 1.05
C VAL A 249 31.79 22.26 1.34
N PRO A 250 31.61 23.56 1.64
CA PRO A 250 32.77 24.42 1.90
C PRO A 250 33.48 23.98 3.16
N LEU A 251 34.80 23.98 3.10
CA LEU A 251 35.64 23.74 4.26
C LEU A 251 35.23 24.68 5.39
N GLY A 252 35.00 24.14 6.58
CA GLY A 252 34.60 24.98 7.70
C GLY A 252 33.10 25.06 7.90
N LYS A 253 32.32 24.67 6.89
CA LYS A 253 30.84 24.71 7.00
C LYS A 253 30.19 23.34 7.24
N GLU A 254 31.00 22.35 7.63
CA GLU A 254 30.48 20.99 7.81
C GLU A 254 29.27 20.89 8.73
N GLN A 255 29.23 21.70 9.79
CA GLN A 255 28.15 21.68 10.77
C GLN A 255 26.85 22.31 10.27
N TYR A 256 26.86 22.81 9.03
CA TYR A 256 25.63 23.37 8.45
C TYR A 256 24.82 22.32 7.71
N TYR A 257 25.36 21.11 7.61
CA TYR A 257 24.69 20.07 6.83
C TYR A 257 24.19 18.92 7.70
N THR A 258 23.04 18.38 7.33
CA THR A 258 22.44 17.30 8.10
C THR A 258 22.01 16.15 7.19
N CYS A 259 22.33 14.93 7.61
CA CYS A 259 21.96 13.74 6.86
C CYS A 259 20.74 13.08 7.50
N HIS A 260 19.75 12.73 6.68
CA HIS A 260 18.57 12.03 7.16
C HIS A 260 18.46 10.66 6.52
N VAL A 261 18.07 9.66 7.32
CA VAL A 261 17.96 8.27 6.88
C VAL A 261 16.54 7.77 7.18
N TYR A 262 15.80 7.41 6.14
CA TYR A 262 14.42 6.95 6.30
C TYR A 262 14.31 5.46 5.98
N HIS A 263 13.82 4.68 6.94
CA HIS A 263 13.72 3.23 6.73
C HIS A 263 12.58 2.64 7.54
N GLN A 264 11.89 1.67 6.97
CA GLN A 264 10.70 1.12 7.60
C GLN A 264 11.00 0.55 8.97
N GLY A 265 12.26 0.23 9.24
CA GLY A 265 12.61 -0.41 10.49
C GLY A 265 12.75 0.54 11.67
N LEU A 266 13.00 1.81 11.36
CA LEU A 266 13.26 2.80 12.40
C LEU A 266 11.97 3.31 13.02
N PRO A 267 12.00 3.57 14.34
CA PRO A 267 10.93 4.24 15.09
C PRO A 267 10.68 5.62 14.50
N GLU A 268 11.76 6.28 14.13
CA GLU A 268 11.67 7.54 13.40
C GLU A 268 12.96 7.71 12.60
N PRO A 269 12.92 8.58 11.58
CA PRO A 269 14.09 8.78 10.72
C PRO A 269 15.29 9.18 11.55
N LEU A 270 16.47 8.77 11.10
CA LEU A 270 17.69 9.19 11.75
C LEU A 270 18.12 10.55 11.24
N THR A 271 18.76 11.31 12.10
CA THR A 271 19.30 12.61 11.75
C THR A 271 20.71 12.63 12.30
N LEU A 272 21.69 12.95 11.46
CA LEU A 272 23.06 13.01 11.93
C LEU A 272 23.96 13.98 11.15
N ARG A 273 25.11 14.28 11.75
CA ARG A 273 26.10 15.20 11.16
C ARG A 273 27.53 14.67 11.31
N TRP A 274 28.44 15.24 10.53
CA TRP A 274 29.86 15.05 10.75
C TRP A 274 30.19 15.33 12.21
N GLU A 275 30.76 14.33 12.88
CA GLU A 275 31.18 14.46 14.27
C GLU A 275 32.69 14.30 14.33
N PRO A 276 33.43 15.41 14.25
CA PRO A 276 34.89 15.31 14.29
C PRO A 276 35.39 14.89 15.67
N PRO A 277 36.29 13.89 15.72
CA PRO A 277 36.90 13.42 16.97
C PRO A 277 37.62 14.55 17.71
N PRO A 278 37.61 14.49 19.05
CA PRO A 278 38.22 15.52 19.91
C PRO A 278 39.74 15.56 19.78
N ILE B 1 20.13 -7.72 -28.43
CA ILE B 1 20.28 -6.59 -27.51
C ILE B 1 21.12 -6.97 -26.29
N GLN B 2 22.11 -6.14 -25.97
CA GLN B 2 23.03 -6.43 -24.88
C GLN B 2 23.07 -5.31 -23.85
N LYS B 3 23.12 -5.69 -22.58
CA LYS B 3 23.19 -4.73 -21.49
C LYS B 3 24.54 -4.83 -20.80
N THR B 4 25.18 -3.67 -20.63
CA THR B 4 26.51 -3.54 -20.03
C THR B 4 26.48 -3.58 -18.50
N PRO B 5 27.31 -4.43 -17.90
CA PRO B 5 27.28 -4.57 -16.43
C PRO B 5 27.67 -3.29 -15.70
N GLN B 6 26.98 -3.01 -14.60
CA GLN B 6 27.42 -1.99 -13.67
C GLN B 6 28.13 -2.72 -12.55
N ILE B 7 29.14 -2.08 -11.96
CA ILE B 7 29.98 -2.74 -10.97
C ILE B 7 30.26 -1.88 -9.76
N GLN B 8 30.06 -2.42 -8.55
CA GLN B 8 30.54 -1.80 -7.32
C GLN B 8 31.48 -2.73 -6.56
N VAL B 9 32.58 -2.17 -6.07
CA VAL B 9 33.54 -2.91 -5.24
C VAL B 9 33.61 -2.25 -3.87
N TYR B 10 33.43 -3.01 -2.80
CA TYR B 10 33.25 -2.43 -1.48
C TYR B 10 33.34 -3.49 -0.40
N SER B 11 33.74 -3.08 0.79
CA SER B 11 33.90 -4.01 1.90
C SER B 11 32.55 -4.28 2.57
N ARG B 12 32.39 -5.47 3.14
CA ARG B 12 31.18 -5.79 3.88
C ARG B 12 31.07 -4.88 5.11
N HIS B 13 32.18 -4.71 5.81
CA HIS B 13 32.19 -3.83 6.97
C HIS B 13 33.14 -2.68 6.70
N PRO B 14 32.98 -1.58 7.45
CA PRO B 14 33.92 -0.47 7.29
C PRO B 14 35.34 -1.00 7.48
N PRO B 15 36.25 -0.68 6.56
CA PRO B 15 37.57 -1.32 6.58
C PRO B 15 38.42 -0.80 7.71
N GLU B 16 39.23 -1.68 8.29
CA GLU B 16 40.18 -1.24 9.30
C GLU B 16 41.47 -2.00 9.06
N ASN B 17 42.56 -1.29 8.80
CA ASN B 17 43.82 -1.93 8.44
C ASN B 17 44.18 -2.99 9.48
N GLY B 18 44.54 -4.18 9.00
CA GLY B 18 44.85 -5.29 9.87
C GLY B 18 43.65 -6.09 10.37
N LYS B 19 42.44 -5.65 10.03
CA LYS B 19 41.24 -6.36 10.47
C LYS B 19 40.56 -7.18 9.36
N PRO B 20 40.41 -8.50 9.56
CA PRO B 20 39.73 -9.36 8.59
C PRO B 20 38.36 -8.81 8.20
N ASN B 21 38.08 -8.85 6.90
CA ASN B 21 36.88 -8.26 6.35
C ASN B 21 36.46 -9.07 5.12
N ILE B 22 35.48 -8.58 4.39
CA ILE B 22 35.04 -9.28 3.19
C ILE B 22 34.97 -8.25 2.06
N LEU B 23 35.57 -8.58 0.93
CA LEU B 23 35.50 -7.66 -0.20
C LEU B 23 34.47 -8.16 -1.19
N ASN B 24 33.52 -7.28 -1.53
CA ASN B 24 32.43 -7.60 -2.44
C ASN B 24 32.63 -6.97 -3.81
N CYS B 25 32.16 -7.68 -4.82
CA CYS B 25 32.06 -7.13 -6.16
C CYS B 25 30.64 -7.38 -6.63
N TYR B 26 29.84 -6.32 -6.64
CA TYR B 26 28.41 -6.43 -6.97
C TYR B 26 28.22 -6.04 -8.43
N VAL B 27 27.81 -7.00 -9.26
CA VAL B 27 27.69 -6.74 -10.69
C VAL B 27 26.24 -6.84 -11.16
N THR B 28 25.73 -5.77 -11.77
CA THR B 28 24.32 -5.75 -12.14
C THR B 28 24.11 -5.25 -13.55
N GLN B 29 22.86 -5.32 -14.02
CA GLN B 29 22.45 -4.71 -15.28
C GLN B 29 23.09 -5.33 -16.51
N PHE B 30 23.39 -6.62 -16.45
CA PHE B 30 23.98 -7.27 -17.61
C PHE B 30 23.05 -8.30 -18.25
N HIS B 31 23.27 -8.52 -19.53
CA HIS B 31 22.51 -9.49 -20.30
C HIS B 31 23.29 -9.64 -21.57
N PRO B 32 23.57 -10.88 -22.01
CA PRO B 32 23.13 -12.19 -21.49
C PRO B 32 23.73 -12.56 -20.13
N PRO B 33 23.22 -13.63 -19.52
CA PRO B 33 23.61 -13.97 -18.15
C PRO B 33 25.03 -14.51 -18.01
N HIS B 34 25.65 -14.99 -19.10
CA HIS B 34 27.01 -15.47 -18.98
C HIS B 34 27.97 -14.34 -18.63
N ILE B 35 28.78 -14.53 -17.60
CA ILE B 35 29.69 -13.49 -17.16
C ILE B 35 30.89 -14.08 -16.41
N GLU B 36 32.04 -13.41 -16.52
CA GLU B 36 33.25 -13.89 -15.87
C GLU B 36 33.85 -12.80 -14.98
N ILE B 37 33.89 -13.08 -13.68
CA ILE B 37 34.26 -12.10 -12.67
C ILE B 37 35.50 -12.53 -11.89
N GLN B 38 36.50 -11.65 -11.85
CA GLN B 38 37.71 -11.91 -11.10
C GLN B 38 37.94 -10.82 -10.05
N MET B 39 38.57 -11.17 -8.95
CA MET B 39 39.04 -10.14 -8.04
C MET B 39 40.57 -10.23 -7.94
N LEU B 40 41.20 -9.07 -7.78
CA LEU B 40 42.65 -8.97 -7.88
C LEU B 40 43.22 -8.25 -6.69
N LYS B 41 44.34 -8.75 -6.19
CA LYS B 41 45.09 -8.09 -5.12
C LYS B 41 46.45 -7.69 -5.68
N ASN B 42 46.75 -6.39 -5.66
CA ASN B 42 47.99 -5.87 -6.24
C ASN B 42 48.27 -6.47 -7.62
N GLY B 43 47.22 -6.54 -8.43
CA GLY B 43 47.37 -6.90 -9.82
C GLY B 43 47.24 -8.38 -10.11
N LYS B 44 47.21 -9.21 -9.06
CA LYS B 44 47.17 -10.65 -9.25
C LYS B 44 45.83 -11.30 -8.83
N LYS B 45 45.28 -12.11 -9.72
N LYS B 45 45.28 -12.10 -9.72
CA LYS B 45 44.04 -12.85 -9.47
CA LYS B 45 44.05 -12.86 -9.46
C LYS B 45 43.99 -13.48 -8.07
C LYS B 45 44.01 -13.45 -8.05
N ILE B 46 42.91 -13.23 -7.33
CA ILE B 46 42.71 -13.87 -6.05
C ILE B 46 42.05 -15.21 -6.33
N PRO B 47 42.69 -16.31 -5.88
CA PRO B 47 42.25 -17.67 -6.25
C PRO B 47 40.85 -18.04 -5.70
N LYS B 48 40.59 -17.74 -4.44
CA LYS B 48 39.37 -18.18 -3.79
C LYS B 48 38.30 -17.09 -3.75
N VAL B 49 37.50 -17.00 -4.81
CA VAL B 49 36.43 -16.02 -4.91
C VAL B 49 35.09 -16.76 -5.02
N GLU B 50 34.15 -16.44 -4.14
CA GLU B 50 32.85 -17.11 -4.13
C GLU B 50 31.79 -16.27 -4.84
N MET B 51 30.74 -16.93 -5.33
N MET B 51 30.75 -16.93 -5.34
CA MET B 51 29.71 -16.28 -6.12
CA MET B 51 29.70 -16.29 -6.12
C MET B 51 28.32 -16.60 -5.61
C MET B 51 28.33 -16.60 -5.56
N SER B 52 27.48 -15.57 -5.43
CA SER B 52 26.08 -15.81 -5.07
C SER B 52 25.42 -16.48 -6.27
N ASP B 53 24.19 -16.97 -6.10
CA ASP B 53 23.42 -17.43 -7.24
C ASP B 53 23.07 -16.20 -8.05
N MET B 54 22.83 -16.37 -9.33
CA MET B 54 22.53 -15.25 -10.18
C MET B 54 21.03 -15.03 -10.17
N SER B 55 20.62 -13.78 -10.16
CA SER B 55 19.19 -13.51 -10.15
C SER B 55 18.95 -12.51 -11.25
N PHE B 56 17.69 -12.12 -11.44
CA PHE B 56 17.41 -11.08 -12.42
C PHE B 56 16.38 -10.08 -11.95
N SER B 57 16.38 -8.92 -12.60
CA SER B 57 15.57 -7.79 -12.17
C SER B 57 14.31 -7.58 -13.00
N LYS B 58 13.50 -6.64 -12.54
CA LYS B 58 12.24 -6.27 -13.18
C LYS B 58 12.46 -5.92 -14.65
N ASP B 59 13.60 -5.31 -14.95
CA ASP B 59 13.96 -4.99 -16.33
C ASP B 59 14.63 -6.18 -17.04
N TRP B 60 14.62 -7.35 -16.40
CA TRP B 60 15.15 -8.59 -16.99
C TRP B 60 16.68 -8.76 -16.87
N SER B 61 17.38 -7.69 -16.52
CA SER B 61 18.83 -7.76 -16.39
C SER B 61 19.23 -8.63 -15.20
N PHE B 62 20.37 -9.29 -15.33
CA PHE B 62 20.87 -10.17 -14.29
C PHE B 62 21.80 -9.44 -13.32
N TYR B 63 21.93 -9.98 -12.10
CA TYR B 63 22.89 -9.45 -11.15
C TYR B 63 23.50 -10.59 -10.35
N ILE B 64 24.67 -10.36 -9.79
CA ILE B 64 25.34 -11.38 -9.01
C ILE B 64 26.31 -10.73 -8.03
N LEU B 65 26.60 -11.40 -6.93
CA LEU B 65 27.55 -10.85 -5.98
C LEU B 65 28.75 -11.78 -5.86
N ALA B 66 29.93 -11.29 -6.20
CA ALA B 66 31.17 -12.03 -5.94
C ALA B 66 31.84 -11.50 -4.69
N HIS B 67 32.50 -12.38 -3.95
CA HIS B 67 33.11 -11.95 -2.70
C HIS B 67 34.28 -12.84 -2.25
N THR B 68 35.16 -12.26 -1.45
CA THR B 68 36.36 -12.94 -1.00
C THR B 68 36.78 -12.37 0.35
N GLU B 69 37.44 -13.17 1.17
CA GLU B 69 37.98 -12.70 2.43
C GLU B 69 39.20 -11.85 2.16
N PHE B 70 39.40 -10.84 3.00
CA PHE B 70 40.60 -10.01 2.88
C PHE B 70 40.86 -9.19 4.15
N THR B 71 42.14 -8.87 4.35
CA THR B 71 42.55 -8.06 5.48
C THR B 71 43.29 -6.84 4.93
N PRO B 72 42.57 -5.73 4.79
CA PRO B 72 43.11 -4.50 4.19
C PRO B 72 44.35 -3.99 4.93
N THR B 73 45.30 -3.49 4.16
CA THR B 73 46.42 -2.73 4.70
C THR B 73 46.37 -1.37 4.05
N GLU B 74 47.23 -0.47 4.52
CA GLU B 74 47.23 0.89 4.02
C GLU B 74 47.58 0.88 2.54
N THR B 75 48.43 -0.05 2.13
CA THR B 75 49.00 0.03 0.79
C THR B 75 48.53 -1.01 -0.24
N ASP B 76 47.90 -2.10 0.20
CA ASP B 76 47.43 -3.10 -0.76
C ASP B 76 46.31 -2.56 -1.62
N THR B 77 46.34 -2.92 -2.90
CA THR B 77 45.35 -2.47 -3.87
C THR B 77 44.46 -3.66 -4.23
N TYR B 78 43.14 -3.43 -4.32
CA TYR B 78 42.19 -4.48 -4.69
C TYR B 78 41.33 -4.02 -5.85
N ALA B 79 40.96 -4.97 -6.71
CA ALA B 79 40.05 -4.63 -7.81
C ALA B 79 39.15 -5.80 -8.18
N CYS B 80 38.14 -5.49 -8.97
CA CYS B 80 37.25 -6.51 -9.50
C CYS B 80 37.26 -6.32 -11.00
N ARG B 81 37.40 -7.42 -11.73
CA ARG B 81 37.52 -7.33 -13.17
C ARG B 81 36.43 -8.15 -13.80
N VAL B 82 35.72 -7.57 -14.76
CA VAL B 82 34.57 -8.23 -15.32
C VAL B 82 34.65 -8.33 -16.82
N LYS B 83 34.49 -9.54 -17.34
N LYS B 83 34.50 -9.55 -17.33
CA LYS B 83 34.46 -9.76 -18.77
CA LYS B 83 34.46 -9.78 -18.76
C LYS B 83 33.03 -10.16 -19.16
C LYS B 83 33.03 -10.14 -19.14
N HIS B 84 32.46 -9.45 -20.12
CA HIS B 84 31.09 -9.68 -20.56
C HIS B 84 30.97 -9.31 -22.02
N ASP B 85 30.12 -10.02 -22.77
CA ASP B 85 30.12 -9.85 -24.22
C ASP B 85 29.63 -8.49 -24.69
N SER B 86 29.00 -7.74 -23.80
CA SER B 86 28.54 -6.39 -24.15
C SER B 86 29.72 -5.41 -24.21
N MET B 87 30.89 -5.85 -23.76
CA MET B 87 32.06 -4.99 -23.72
C MET B 87 33.23 -5.60 -24.48
N ALA B 88 33.86 -4.79 -25.32
CA ALA B 88 35.01 -5.26 -26.11
C ALA B 88 36.12 -5.78 -25.21
N GLU B 89 36.34 -5.11 -24.08
CA GLU B 89 37.43 -5.48 -23.17
C GLU B 89 36.92 -5.63 -21.74
N PRO B 90 37.64 -6.39 -20.92
CA PRO B 90 37.23 -6.58 -19.53
C PRO B 90 37.26 -5.25 -18.79
N LYS B 91 36.25 -4.97 -17.98
CA LYS B 91 36.20 -3.74 -17.21
C LYS B 91 36.74 -3.97 -15.82
N THR B 92 37.70 -3.14 -15.40
CA THR B 92 38.28 -3.23 -14.07
C THR B 92 37.88 -2.05 -13.19
N VAL B 93 37.54 -2.35 -11.93
CA VAL B 93 37.10 -1.33 -10.98
C VAL B 93 37.86 -1.50 -9.68
N TYR B 94 38.55 -0.45 -9.26
CA TYR B 94 39.34 -0.49 -8.03
C TYR B 94 38.54 -0.21 -6.77
N TRP B 95 38.88 -0.93 -5.71
CA TRP B 95 38.34 -0.65 -4.40
C TRP B 95 38.88 0.67 -3.89
N ASP B 96 37.97 1.47 -3.35
CA ASP B 96 38.30 2.75 -2.73
C ASP B 96 37.66 2.70 -1.36
N ARG B 97 38.47 2.62 -0.31
N ARG B 97 38.46 2.61 -0.30
CA ARG B 97 37.98 2.45 1.06
CA ARG B 97 37.92 2.41 1.03
C ARG B 97 37.01 3.56 1.49
C ARG B 97 36.99 3.55 1.48
N ASP B 98 37.01 4.66 0.76
CA ASP B 98 36.15 5.80 1.08
C ASP B 98 34.77 5.68 0.42
N MET B 99 34.60 4.66 -0.40
CA MET B 99 33.38 4.49 -1.17
C MET B 99 32.77 3.14 -0.87
N SER C 1 -1.77 18.01 15.39
CA SER C 1 -2.10 19.41 15.57
C SER C 1 -2.40 20.04 14.22
N ILE C 2 -3.64 20.53 14.09
CA ILE C 2 -4.09 21.14 12.84
C ILE C 2 -3.35 22.45 12.56
N ILE C 3 -3.23 22.78 11.28
CA ILE C 3 -2.56 24.00 10.84
C ILE C 3 -3.42 25.20 11.21
N ASN C 4 -2.79 26.37 11.20
CA ASN C 4 -3.52 27.64 11.30
C ASN C 4 -3.92 28.04 9.90
N PHE C 5 -5.22 28.16 9.64
CA PHE C 5 -5.66 28.41 8.28
C PHE C 5 -5.51 29.87 7.88
N GLU C 6 -5.25 30.09 6.60
CA GLU C 6 -5.12 31.43 6.05
C GLU C 6 -6.39 31.80 5.30
N LYS C 7 -6.73 33.08 5.31
CA LYS C 7 -7.93 33.56 4.66
C LYS C 7 -7.89 33.25 3.18
N LEU C 8 -9.06 32.93 2.62
CA LEU C 8 -9.15 32.75 1.18
C LEU C 8 -9.62 34.04 0.51
N GLY D 1 2.89 -0.41 8.23
CA GLY D 1 2.18 0.16 7.10
C GLY D 1 2.14 1.68 7.13
N PRO D 2 1.41 2.30 6.19
CA PRO D 2 1.34 3.77 6.16
C PRO D 2 0.46 4.30 7.29
N HIS D 3 0.67 5.57 7.65
CA HIS D 3 -0.13 6.20 8.68
C HIS D 3 -0.59 7.57 8.21
N SER D 4 -1.58 8.13 8.88
CA SER D 4 -2.12 9.41 8.45
C SER D 4 -2.67 10.23 9.60
N LEU D 5 -2.53 11.55 9.46
CA LEU D 5 -3.16 12.48 10.39
C LEU D 5 -3.93 13.42 9.49
N ARG D 6 -5.25 13.42 9.64
N ARG D 6 -5.25 13.44 9.66
CA ARG D 6 -6.11 14.26 8.81
CA ARG D 6 -6.12 14.25 8.83
C ARG D 6 -7.14 15.00 9.65
C ARG D 6 -7.11 15.02 9.68
N TYR D 7 -7.39 16.25 9.29
CA TYR D 7 -8.39 17.06 9.95
C TYR D 7 -9.52 17.36 8.99
N PHE D 8 -10.74 17.14 9.45
CA PHE D 8 -11.94 17.45 8.70
C PHE D 8 -12.61 18.67 9.35
N VAL D 9 -12.69 19.74 8.58
CA VAL D 9 -13.13 21.03 9.08
C VAL D 9 -14.43 21.42 8.42
N THR D 10 -15.40 21.89 9.21
N THR D 10 -15.39 21.87 9.22
CA THR D 10 -16.67 22.34 8.66
CA THR D 10 -16.65 22.38 8.70
C THR D 10 -17.11 23.67 9.28
C THR D 10 -16.93 23.76 9.26
N ALA D 11 -17.49 24.61 8.41
CA ALA D 11 -17.97 25.93 8.83
C ALA D 11 -19.28 26.17 8.11
N VAL D 12 -20.35 26.37 8.87
CA VAL D 12 -21.68 26.43 8.30
C VAL D 12 -22.38 27.68 8.79
N SER D 13 -22.64 28.61 7.87
CA SER D 13 -23.35 29.82 8.26
C SER D 13 -24.83 29.50 8.49
N ARG D 14 -25.45 30.28 9.38
CA ARG D 14 -26.88 30.12 9.64
C ARG D 14 -27.46 31.48 9.96
N PRO D 15 -27.50 32.37 8.95
CA PRO D 15 -27.94 33.75 9.16
C PRO D 15 -29.26 33.82 9.91
N GLY D 16 -29.36 34.74 10.87
CA GLY D 16 -30.53 34.93 11.68
C GLY D 16 -30.70 33.88 12.77
N LEU D 17 -29.85 32.87 12.79
CA LEU D 17 -30.00 31.79 13.76
C LEU D 17 -28.83 31.73 14.72
N GLY D 18 -27.80 32.51 14.45
CA GLY D 18 -26.62 32.52 15.29
C GLY D 18 -25.35 32.64 14.48
N GLU D 19 -24.22 32.41 15.14
CA GLU D 19 -22.93 32.46 14.48
C GLU D 19 -22.72 31.18 13.70
N PRO D 20 -21.81 31.20 12.72
CA PRO D 20 -21.58 29.96 11.99
C PRO D 20 -21.14 28.86 12.93
N ARG D 21 -21.57 27.64 12.64
N ARG D 21 -21.58 27.63 12.65
CA ARG D 21 -21.13 26.48 13.41
CA ARG D 21 -21.12 26.51 13.45
C ARG D 21 -19.81 25.99 12.84
C ARG D 21 -19.81 26.01 12.85
N TYR D 22 -18.80 25.87 13.69
CA TYR D 22 -17.48 25.51 13.24
C TYR D 22 -16.99 24.28 13.97
N MET D 23 -16.40 23.36 13.21
N MET D 23 -16.38 23.37 13.23
CA MET D 23 -15.91 22.10 13.74
CA MET D 23 -15.96 22.08 13.78
C MET D 23 -14.56 21.72 13.19
C MET D 23 -14.62 21.63 13.19
N GLU D 24 -13.69 21.21 14.06
CA GLU D 24 -12.46 20.59 13.62
C GLU D 24 -12.55 19.18 14.14
N VAL D 25 -12.42 18.19 13.25
CA VAL D 25 -12.43 16.80 13.64
C VAL D 25 -11.13 16.13 13.17
N GLY D 26 -10.39 15.57 14.11
CA GLY D 26 -9.09 14.99 13.82
C GLY D 26 -9.18 13.48 13.73
N TYR D 27 -8.48 12.90 12.75
CA TYR D 27 -8.43 11.45 12.59
C TYR D 27 -6.97 10.95 12.52
N VAL D 28 -6.63 9.95 13.32
CA VAL D 28 -5.39 9.23 13.06
C VAL D 28 -5.74 7.92 12.37
N ASP D 29 -5.05 7.65 11.26
CA ASP D 29 -5.35 6.46 10.47
C ASP D 29 -6.86 6.29 10.37
N ASP D 30 -7.55 7.37 10.03
CA ASP D 30 -8.98 7.35 9.75
C ASP D 30 -9.84 7.06 10.98
N THR D 31 -9.26 7.23 12.16
CA THR D 31 -9.99 7.03 13.42
C THR D 31 -10.12 8.36 14.16
N GLU D 32 -11.35 8.81 14.41
CA GLU D 32 -11.53 10.10 15.08
C GLU D 32 -10.83 10.10 16.46
N PHE D 33 -9.96 11.08 16.69
CA PHE D 33 -9.22 11.11 17.96
C PHE D 33 -9.35 12.42 18.73
N VAL D 34 -9.79 13.47 18.05
CA VAL D 34 -10.13 14.74 18.72
C VAL D 34 -11.26 15.45 17.98
N ARG D 35 -11.96 16.33 18.68
CA ARG D 35 -13.03 17.10 18.07
C ARG D 35 -13.20 18.43 18.80
N PHE D 36 -13.26 19.51 18.03
CA PHE D 36 -13.67 20.80 18.55
C PHE D 36 -15.01 21.13 17.88
N ASP D 37 -15.99 21.59 18.66
CA ASP D 37 -17.31 21.97 18.14
C ASP D 37 -17.71 23.29 18.76
N SER D 38 -17.81 24.31 17.93
CA SER D 38 -17.99 25.67 18.39
C SER D 38 -19.35 25.86 19.02
N ASP D 39 -20.24 24.91 18.81
CA ASP D 39 -21.62 25.10 19.23
C ASP D 39 -21.84 24.75 20.69
N ALA D 40 -21.32 25.59 21.57
CA ALA D 40 -21.48 25.42 23.00
C ALA D 40 -21.16 26.74 23.67
N GLU D 41 -21.43 26.84 24.96
CA GLU D 41 -20.99 28.02 25.72
C GLU D 41 -19.54 27.81 26.12
N ASN D 42 -19.19 26.54 26.35
CA ASN D 42 -17.81 26.16 26.60
C ASN D 42 -17.28 25.23 25.51
N PRO D 43 -16.98 25.80 24.34
CA PRO D 43 -16.40 25.00 23.26
C PRO D 43 -14.92 24.75 23.55
N ARG D 44 -14.51 23.48 23.57
N ARG D 44 -14.51 23.49 23.54
CA ARG D 44 -13.13 23.10 23.81
CA ARG D 44 -13.12 23.12 23.78
C ARG D 44 -12.74 21.93 22.90
C ARG D 44 -12.74 21.90 22.96
N TYR D 45 -11.44 21.73 22.71
CA TYR D 45 -10.96 20.56 22.04
C TYR D 45 -11.19 19.39 22.98
N GLU D 46 -11.65 18.28 22.43
CA GLU D 46 -11.95 17.13 23.27
C GLU D 46 -11.31 15.91 22.69
N PRO D 47 -10.70 15.08 23.56
CA PRO D 47 -10.21 13.78 23.10
C PRO D 47 -11.39 12.90 22.76
N ARG D 48 -11.30 12.18 21.65
CA ARG D 48 -12.37 11.32 21.21
C ARG D 48 -11.94 9.84 21.21
N ALA D 49 -10.68 9.62 21.54
CA ALA D 49 -10.17 8.28 21.82
C ALA D 49 -9.49 8.32 23.18
N ARG D 50 -9.69 7.27 23.97
CA ARG D 50 -9.18 7.20 25.35
C ARG D 50 -7.68 7.45 25.46
N TRP D 51 -6.92 7.02 24.46
CA TRP D 51 -5.47 7.16 24.51
C TRP D 51 -4.97 8.60 24.35
N MET D 52 -5.87 9.50 23.95
CA MET D 52 -5.51 10.91 23.85
C MET D 52 -5.57 11.60 25.21
N GLU D 53 -6.16 10.91 26.18
CA GLU D 53 -6.40 11.50 27.49
C GLU D 53 -5.12 11.78 28.27
N GLN D 54 -3.99 11.27 27.79
CA GLN D 54 -2.73 11.48 28.48
C GLN D 54 -2.07 12.80 28.12
N GLU D 55 -2.51 13.42 27.03
CA GLU D 55 -2.02 14.75 26.69
C GLU D 55 -2.36 15.67 27.87
N GLY D 56 -1.43 16.52 28.24
CA GLY D 56 -1.60 17.42 29.36
C GLY D 56 -2.47 18.60 29.01
N PRO D 57 -2.86 19.39 30.02
CA PRO D 57 -3.72 20.56 29.83
C PRO D 57 -3.11 21.65 28.93
N GLU D 58 -1.78 21.74 28.86
CA GLU D 58 -1.19 22.70 27.92
C GLU D 58 -1.60 22.36 26.50
N TYR D 59 -1.68 21.08 26.18
CA TYR D 59 -2.05 20.64 24.84
C TYR D 59 -3.47 21.07 24.51
N TRP D 60 -4.40 20.74 25.39
CA TRP D 60 -5.81 21.03 25.14
C TRP D 60 -6.06 22.52 25.04
N GLU D 61 -5.39 23.27 25.92
CA GLU D 61 -5.54 24.71 25.91
C GLU D 61 -5.02 25.29 24.62
N ARG D 62 -3.83 24.85 24.20
CA ARG D 62 -3.23 25.37 22.97
C ARG D 62 -4.07 25.06 21.75
N GLU D 63 -4.53 23.81 21.64
CA GLU D 63 -5.36 23.42 20.49
C GLU D 63 -6.68 24.18 20.48
N THR D 64 -7.29 24.32 21.65
CA THR D 64 -8.54 25.06 21.76
C THR D 64 -8.38 26.51 21.30
N GLN D 65 -7.35 27.19 21.80
CA GLN D 65 -7.11 28.56 21.37
C GLN D 65 -6.84 28.63 19.86
N LYS D 66 -6.11 27.66 19.32
CA LYS D 66 -5.86 27.65 17.88
C LYS D 66 -7.15 27.43 17.08
N ALA D 67 -8.04 26.61 17.63
CA ALA D 67 -9.29 26.30 16.95
C ALA D 67 -10.19 27.53 16.95
N LYS D 68 -10.13 28.30 18.04
CA LYS D 68 -10.92 29.51 18.12
C LYS D 68 -10.46 30.54 17.10
N GLY D 69 -9.15 30.63 16.86
CA GLY D 69 -8.63 31.54 15.85
C GLY D 69 -8.98 31.10 14.45
N ASN D 70 -8.85 29.81 14.19
CA ASN D 70 -9.34 29.25 12.92
C ASN D 70 -10.82 29.54 12.75
N GLU D 71 -11.60 29.37 13.80
CA GLU D 71 -13.05 29.57 13.65
C GLU D 71 -13.38 30.97 13.14
N GLN D 72 -12.73 31.96 13.74
CA GLN D 72 -13.02 33.34 13.37
C GLN D 72 -12.49 33.65 11.97
N SER D 73 -11.41 32.97 11.59
CA SER D 73 -10.88 33.15 10.27
C SER D 73 -11.87 32.61 9.23
N PHE D 74 -12.46 31.45 9.51
CA PHE D 74 -13.50 30.91 8.64
C PHE D 74 -14.77 31.75 8.60
N ARG D 75 -15.09 32.42 9.70
CA ARG D 75 -16.23 33.35 9.68
C ARG D 75 -16.05 34.41 8.59
N VAL D 76 -14.83 34.94 8.51
CA VAL D 76 -14.50 35.94 7.50
C VAL D 76 -14.55 35.32 6.11
N ASP D 77 -14.04 34.10 5.97
CA ASP D 77 -14.07 33.41 4.69
C ASP D 77 -15.49 33.21 4.13
N LEU D 78 -16.43 32.77 4.97
CA LEU D 78 -17.83 32.66 4.54
C LEU D 78 -18.32 33.98 3.94
N ARG D 79 -18.04 35.08 4.64
CA ARG D 79 -18.38 36.41 4.11
C ARG D 79 -17.66 36.69 2.79
N THR D 80 -16.40 36.28 2.71
CA THR D 80 -15.62 36.49 1.49
C THR D 80 -16.18 35.74 0.29
N LEU D 81 -16.62 34.50 0.51
CA LEU D 81 -17.20 33.70 -0.55
C LEU D 81 -18.55 34.22 -1.06
N LEU D 82 -19.39 34.72 -0.16
CA LEU D 82 -20.60 35.41 -0.58
C LEU D 82 -20.22 36.47 -1.60
N GLY D 83 -19.19 37.26 -1.27
CA GLY D 83 -18.66 38.23 -2.20
C GLY D 83 -18.27 37.60 -3.53
N TYR D 84 -17.32 36.66 -3.49
CA TYR D 84 -16.81 36.07 -4.73
C TYR D 84 -17.92 35.56 -5.65
N TYR D 85 -18.98 35.04 -5.05
CA TYR D 85 -20.04 34.39 -5.83
C TYR D 85 -21.25 35.29 -6.08
N ASN D 86 -21.18 36.53 -5.60
CA ASN D 86 -22.33 37.42 -5.69
C ASN D 86 -23.58 36.76 -5.16
N GLN D 87 -23.50 36.27 -3.92
CA GLN D 87 -24.64 35.62 -3.30
C GLN D 87 -25.20 36.57 -2.26
N SER D 88 -26.45 36.33 -1.88
CA SER D 88 -27.13 37.17 -0.89
C SER D 88 -26.73 36.73 0.51
N LYS D 89 -26.95 37.60 1.49
CA LYS D 89 -26.52 37.32 2.87
C LYS D 89 -27.53 36.50 3.66
N GLY D 90 -28.54 35.95 2.95
CA GLY D 90 -29.64 35.28 3.61
C GLY D 90 -29.57 33.77 3.71
N GLY D 91 -28.88 33.13 2.78
CA GLY D 91 -28.79 31.68 2.79
C GLY D 91 -27.69 31.09 3.67
N SER D 92 -27.83 29.83 4.05
CA SER D 92 -26.78 29.11 4.74
C SER D 92 -25.83 28.51 3.73
N HIS D 93 -24.55 28.57 4.02
CA HIS D 93 -23.54 28.02 3.13
C HIS D 93 -22.52 27.22 3.94
N THR D 94 -21.76 26.35 3.29
N THR D 94 -21.78 26.34 3.26
CA THR D 94 -20.81 25.50 4.00
CA THR D 94 -20.78 25.50 3.92
C THR D 94 -19.40 25.49 3.39
C THR D 94 -19.38 25.69 3.35
N ILE D 95 -18.39 25.73 4.24
CA ILE D 95 -17.02 25.55 3.83
C ILE D 95 -16.52 24.26 4.50
N GLN D 96 -15.85 23.40 3.75
CA GLN D 96 -15.26 22.21 4.33
C GLN D 96 -13.80 22.14 3.93
N VAL D 97 -12.97 21.62 4.83
CA VAL D 97 -11.58 21.42 4.49
C VAL D 97 -11.15 20.05 4.96
N ILE D 98 -10.30 19.41 4.17
CA ILE D 98 -9.59 18.22 4.58
C ILE D 98 -8.10 18.58 4.54
N SER D 99 -7.43 18.42 5.67
CA SER D 99 -6.07 18.90 5.81
C SER D 99 -5.27 17.89 6.58
N GLY D 100 -4.12 17.49 6.03
CA GLY D 100 -3.28 16.53 6.74
C GLY D 100 -2.23 15.85 5.90
N CYS D 101 -1.64 14.82 6.49
CA CYS D 101 -0.49 14.17 5.89
C CYS D 101 -0.67 12.66 5.93
N GLU D 102 -0.29 11.99 4.85
CA GLU D 102 -0.17 10.55 4.88
C GLU D 102 1.32 10.24 4.83
N VAL D 103 1.77 9.38 5.74
CA VAL D 103 3.20 9.12 5.90
C VAL D 103 3.42 7.62 5.69
N GLY D 104 4.46 7.27 4.94
CA GLY D 104 4.75 5.87 4.67
C GLY D 104 5.48 5.21 5.82
N SER D 105 5.70 3.91 5.71
CA SER D 105 6.36 3.16 6.78
C SER D 105 7.74 3.73 7.12
N ASP D 106 8.34 4.43 6.17
CA ASP D 106 9.71 4.92 6.32
C ASP D 106 9.79 6.31 6.96
N GLY D 107 8.62 6.85 7.32
CA GLY D 107 8.54 8.17 7.93
C GLY D 107 8.44 9.29 6.91
N ARG D 108 8.58 8.95 5.63
N ARG D 108 8.57 8.94 5.63
CA ARG D 108 8.51 9.95 4.58
CA ARG D 108 8.50 9.95 4.58
C ARG D 108 7.06 10.30 4.25
C ARG D 108 7.06 10.29 4.23
N LEU D 109 6.84 11.57 3.93
CA LEU D 109 5.52 12.04 3.56
C LEU D 109 5.13 11.41 2.24
N LEU D 110 4.04 10.63 2.24
CA LEU D 110 3.52 10.06 1.01
C LEU D 110 2.64 11.04 0.25
N ARG D 111 1.78 11.73 0.98
CA ARG D 111 0.87 12.67 0.34
C ARG D 111 0.42 13.71 1.36
N GLY D 112 0.39 14.97 0.95
CA GLY D 112 -0.14 16.03 1.78
C GLY D 112 -1.50 16.46 1.26
N TYR D 113 -2.39 16.82 2.16
CA TYR D 113 -3.73 17.22 1.76
C TYR D 113 -4.01 18.62 2.29
N GLN D 114 -4.50 19.47 1.40
CA GLN D 114 -5.06 20.75 1.76
C GLN D 114 -6.08 21.08 0.69
N GLN D 115 -7.31 20.61 0.89
CA GLN D 115 -8.36 20.83 -0.08
C GLN D 115 -9.64 21.38 0.54
N TYR D 116 -10.31 22.22 -0.25
CA TYR D 116 -11.44 23.00 0.21
C TYR D 116 -12.63 22.73 -0.68
N ALA D 117 -13.82 22.75 -0.07
CA ALA D 117 -15.07 22.68 -0.81
C ALA D 117 -15.98 23.80 -0.32
N TYR D 118 -16.80 24.32 -1.22
CA TYR D 118 -17.81 25.31 -0.84
C TYR D 118 -19.17 24.80 -1.30
N ASP D 119 -20.10 24.73 -0.35
CA ASP D 119 -21.44 24.22 -0.63
C ASP D 119 -21.38 22.84 -1.30
N GLY D 120 -20.44 22.01 -0.87
CA GLY D 120 -20.40 20.63 -1.32
C GLY D 120 -19.64 20.39 -2.62
N CYS D 121 -19.06 21.46 -3.19
CA CYS D 121 -18.32 21.35 -4.44
C CYS D 121 -16.84 21.72 -4.25
N ASP D 122 -15.94 20.95 -4.87
CA ASP D 122 -14.52 21.31 -4.85
C ASP D 122 -14.34 22.79 -5.05
N TYR D 123 -13.44 23.40 -4.30
CA TYR D 123 -13.16 24.82 -4.45
C TYR D 123 -11.71 25.04 -4.88
N ILE D 124 -10.78 24.68 -4.01
CA ILE D 124 -9.37 24.73 -4.38
C ILE D 124 -8.62 23.63 -3.63
N ALA D 125 -7.54 23.14 -4.21
CA ALA D 125 -6.77 22.05 -3.62
C ALA D 125 -5.29 22.24 -3.87
N LEU D 126 -4.48 21.93 -2.86
CA LEU D 126 -3.03 21.94 -3.03
C LEU D 126 -2.69 20.73 -3.88
N ASN D 127 -1.98 20.94 -4.97
CA ASN D 127 -1.55 19.83 -5.83
C ASN D 127 -0.55 18.91 -5.15
N GLU D 128 -0.47 17.68 -5.62
CA GLU D 128 0.44 16.70 -5.05
C GLU D 128 1.91 17.16 -5.06
N ASP D 129 2.24 18.09 -5.96
CA ASP D 129 3.59 18.67 -5.96
C ASP D 129 3.84 19.59 -4.77
N LEU D 130 2.79 19.92 -4.03
CA LEU D 130 2.88 20.81 -2.86
C LEU D 130 3.41 22.19 -3.22
N LYS D 131 3.29 22.58 -4.48
CA LYS D 131 3.83 23.85 -4.93
C LYS D 131 2.81 24.71 -5.65
N THR D 132 1.87 24.07 -6.32
CA THR D 132 0.85 24.75 -7.10
C THR D 132 -0.55 24.36 -6.62
N TRP D 133 -1.54 25.17 -6.99
CA TRP D 133 -2.94 24.95 -6.61
C TRP D 133 -3.85 24.67 -7.81
N THR D 134 -4.90 23.90 -7.57
CA THR D 134 -5.95 23.68 -8.57
C THR D 134 -7.21 24.40 -8.13
N ALA D 135 -7.58 25.46 -8.84
CA ALA D 135 -8.80 26.19 -8.53
C ALA D 135 -9.94 25.63 -9.37
N ALA D 136 -11.03 25.25 -8.71
CA ALA D 136 -12.15 24.56 -9.37
C ALA D 136 -13.08 25.45 -10.19
N ASP D 137 -13.11 26.74 -9.90
CA ASP D 137 -13.98 27.66 -10.62
C ASP D 137 -13.41 29.05 -10.55
N MET D 138 -14.13 30.03 -11.08
CA MET D 138 -13.60 31.38 -11.20
C MET D 138 -13.43 32.05 -9.84
N ALA D 139 -14.35 31.78 -8.93
CA ALA D 139 -14.22 32.35 -7.60
C ALA D 139 -12.88 31.88 -6.99
N ALA D 140 -12.64 30.58 -7.05
CA ALA D 140 -11.43 30.01 -6.47
C ALA D 140 -10.14 30.56 -7.09
N LEU D 141 -10.23 31.11 -8.31
CA LEU D 141 -9.04 31.70 -8.93
C LEU D 141 -8.56 32.91 -8.17
N ILE D 142 -9.48 33.62 -7.53
CA ILE D 142 -9.11 34.79 -6.74
C ILE D 142 -8.29 34.36 -5.53
N THR D 143 -8.72 33.28 -4.88
CA THR D 143 -7.95 32.69 -3.78
C THR D 143 -6.59 32.20 -4.27
N LYS D 144 -6.59 31.45 -5.38
CA LYS D 144 -5.36 31.00 -6.00
C LYS D 144 -4.34 32.13 -6.15
N HIS D 145 -4.74 33.23 -6.78
CA HIS D 145 -3.83 34.35 -7.01
CA HIS D 145 -3.86 34.37 -7.02
C HIS D 145 -3.31 34.94 -5.70
N LYS D 146 -4.21 35.08 -4.73
CA LYS D 146 -3.84 35.59 -3.40
C LYS D 146 -2.82 34.68 -2.70
N TRP D 147 -3.08 33.37 -2.71
CA TRP D 147 -2.20 32.41 -2.06
C TRP D 147 -0.85 32.26 -2.77
N GLU D 148 -0.88 32.35 -4.10
CA GLU D 148 0.36 32.27 -4.87
C GLU D 148 1.31 33.39 -4.48
N GLN D 149 0.78 34.59 -4.29
CA GLN D 149 1.64 35.73 -4.00
C GLN D 149 2.10 35.75 -2.55
N ALA D 150 1.28 35.23 -1.65
CA ALA D 150 1.66 35.18 -0.23
C ALA D 150 2.56 33.99 0.11
N GLY D 151 2.90 33.17 -0.87
CA GLY D 151 3.66 31.96 -0.61
C GLY D 151 2.96 30.91 0.23
N GLU D 152 1.63 30.87 0.18
CA GLU D 152 0.85 29.89 0.96
C GLU D 152 1.23 28.42 0.71
N ALA D 153 1.53 28.07 -0.53
CA ALA D 153 1.90 26.69 -0.82
C ALA D 153 3.16 26.31 -0.06
N GLU D 154 4.12 27.23 -0.02
CA GLU D 154 5.37 26.96 0.68
C GLU D 154 5.12 26.79 2.18
N ARG D 155 4.23 27.62 2.71
CA ARG D 155 3.85 27.51 4.11
C ARG D 155 3.22 26.15 4.42
N LEU D 156 2.42 25.65 3.48
CA LEU D 156 1.75 24.37 3.66
C LEU D 156 2.75 23.23 3.59
N ARG D 157 3.66 23.28 2.64
CA ARG D 157 4.68 22.25 2.52
C ARG D 157 5.45 22.09 3.84
N ALA D 158 5.85 23.21 4.43
CA ALA D 158 6.56 23.20 5.71
C ALA D 158 5.70 22.54 6.79
N TYR D 159 4.41 22.87 6.81
CA TYR D 159 3.51 22.27 7.78
C TYR D 159 3.39 20.79 7.50
N LEU D 160 3.17 20.45 6.24
CA LEU D 160 2.86 19.07 5.88
C LEU D 160 4.05 18.15 6.05
N GLU D 161 5.23 18.66 5.72
CA GLU D 161 6.46 17.86 5.77
C GLU D 161 7.07 17.86 7.16
N GLY D 162 6.84 18.94 7.91
CA GLY D 162 7.37 19.04 9.25
C GLY D 162 6.32 18.77 10.31
N THR D 163 5.67 19.83 10.75
CA THR D 163 4.66 19.77 11.80
C THR D 163 3.74 18.56 11.77
N CYS D 164 3.11 18.33 10.63
CA CYS D 164 2.08 17.30 10.54
C CYS D 164 2.68 15.92 10.84
N VAL D 165 3.84 15.64 10.24
CA VAL D 165 4.53 14.37 10.45
C VAL D 165 4.95 14.14 11.90
N GLU D 166 5.43 15.21 12.53
CA GLU D 166 5.94 15.15 13.90
C GLU D 166 4.81 14.87 14.89
N TRP D 167 3.67 15.54 14.70
CA TRP D 167 2.50 15.27 15.53
C TRP D 167 1.96 13.85 15.31
N LEU D 168 1.83 13.44 14.05
CA LEU D 168 1.39 12.08 13.76
C LEU D 168 2.21 11.05 14.52
N ARG D 169 3.53 11.26 14.54
CA ARG D 169 4.43 10.40 15.29
C ARG D 169 4.08 10.40 16.77
N ARG D 170 3.92 11.60 17.33
CA ARG D 170 3.58 11.74 18.74
C ARG D 170 2.28 11.01 19.06
N TYR D 171 1.27 11.21 18.22
CA TYR D 171 -0.04 10.62 18.47
C TYR D 171 0.06 9.11 18.39
N LEU D 172 0.86 8.63 17.43
CA LEU D 172 0.96 7.18 17.23
C LEU D 172 1.62 6.49 18.40
N LYS D 173 2.55 7.19 19.05
CA LYS D 173 3.23 6.61 20.20
C LYS D 173 2.23 6.36 21.32
N ASN D 174 1.20 7.20 21.37
CA ASN D 174 0.17 7.06 22.38
C ASN D 174 -0.98 6.13 21.97
N GLY D 175 -1.33 6.13 20.69
CA GLY D 175 -2.51 5.40 20.24
C GLY D 175 -2.26 4.14 19.43
N ASN D 176 -1.02 3.94 18.98
CA ASN D 176 -0.72 2.84 18.07
C ASN D 176 -1.28 1.47 18.51
N ALA D 177 -1.00 1.08 19.75
CA ALA D 177 -1.51 -0.18 20.27
C ALA D 177 -3.03 -0.30 20.12
N THR D 178 -3.73 0.80 20.32
CA THR D 178 -5.19 0.81 20.22
C THR D 178 -5.64 0.87 18.77
N LEU D 179 -4.87 1.56 17.93
CA LEU D 179 -5.24 1.75 16.54
C LEU D 179 -5.07 0.46 15.72
N LEU D 180 -4.10 -0.36 16.13
CA LEU D 180 -3.88 -1.66 15.49
C LEU D 180 -5.04 -2.64 15.76
N ARG D 181 -6.03 -2.18 16.52
CA ARG D 181 -7.18 -3.02 16.89
C ARG D 181 -7.81 -3.70 15.69
N THR D 182 -8.05 -5.01 15.81
CA THR D 182 -8.67 -5.74 14.72
C THR D 182 -9.75 -6.68 15.26
N ASP D 183 -10.99 -6.48 14.81
CA ASP D 183 -12.06 -7.40 15.20
C ASP D 183 -12.53 -8.17 13.99
N SER D 184 -12.37 -9.49 14.02
CA SER D 184 -12.73 -10.34 12.91
C SER D 184 -14.25 -10.45 12.80
N PRO D 185 -14.78 -10.40 11.58
CA PRO D 185 -16.22 -10.65 11.39
C PRO D 185 -16.62 -12.02 11.94
N LYS D 186 -17.83 -12.12 12.47
CA LYS D 186 -18.43 -13.42 12.73
C LYS D 186 -19.58 -13.56 11.72
N ALA D 187 -19.65 -14.69 11.04
CA ALA D 187 -20.60 -14.83 9.93
C ALA D 187 -21.72 -15.87 10.15
N HIS D 188 -22.86 -15.64 9.51
CA HIS D 188 -23.89 -16.66 9.46
C HIS D 188 -24.76 -16.45 8.25
N VAL D 189 -25.46 -17.49 7.83
CA VAL D 189 -26.37 -17.39 6.69
C VAL D 189 -27.80 -17.59 7.14
N THR D 190 -28.69 -16.68 6.73
CA THR D 190 -30.11 -16.84 6.97
C THR D 190 -30.84 -17.22 5.69
N HIS D 191 -32.06 -17.72 5.85
CA HIS D 191 -32.80 -18.36 4.76
C HIS D 191 -34.19 -17.74 4.71
N HIS D 192 -34.59 -17.17 3.57
CA HIS D 192 -35.87 -16.47 3.48
C HIS D 192 -36.66 -16.90 2.27
N SER D 193 -37.98 -16.82 2.37
CA SER D 193 -38.82 -17.35 1.31
C SER D 193 -38.93 -16.41 0.12
N ARG D 194 -39.12 -16.97 -1.06
CA ARG D 194 -39.48 -16.21 -2.24
C ARG D 194 -40.72 -16.86 -2.83
N PRO D 195 -41.43 -16.12 -3.70
CA PRO D 195 -42.58 -16.75 -4.36
C PRO D 195 -42.14 -17.99 -5.13
N GLU D 196 -43.07 -18.89 -5.37
N GLU D 196 -43.07 -18.89 -5.37
CA GLU D 196 -42.82 -20.08 -6.18
CA GLU D 196 -42.81 -20.09 -6.15
C GLU D 196 -41.68 -20.93 -5.62
C GLU D 196 -41.65 -20.92 -5.59
N ASP D 197 -40.73 -21.32 -6.47
CA ASP D 197 -39.71 -22.29 -6.08
C ASP D 197 -38.34 -21.67 -5.82
N LYS D 198 -38.31 -20.43 -5.32
CA LYS D 198 -37.03 -19.79 -5.03
C LYS D 198 -36.93 -19.47 -3.54
N VAL D 199 -35.71 -19.32 -3.05
CA VAL D 199 -35.48 -18.86 -1.68
C VAL D 199 -34.31 -17.91 -1.70
N THR D 200 -34.18 -17.10 -0.64
CA THR D 200 -33.06 -16.18 -0.53
C THR D 200 -32.11 -16.70 0.53
N LEU D 201 -30.83 -16.69 0.21
CA LEU D 201 -29.79 -17.00 1.18
C LEU D 201 -29.08 -15.70 1.45
N ARG D 202 -28.99 -15.31 2.72
CA ARG D 202 -28.39 -14.04 3.07
C ARG D 202 -27.19 -14.25 3.98
N CYS D 203 -26.03 -13.86 3.51
CA CYS D 203 -24.79 -14.06 4.26
C CYS D 203 -24.45 -12.81 5.06
N TRP D 204 -24.42 -12.96 6.37
CA TRP D 204 -24.20 -11.84 7.27
C TRP D 204 -22.79 -11.88 7.81
N ALA D 205 -22.17 -10.71 7.88
CA ALA D 205 -20.93 -10.47 8.62
C ALA D 205 -21.18 -9.42 9.68
N LEU D 206 -20.89 -9.75 10.93
CA LEU D 206 -21.16 -8.86 12.06
C LEU D 206 -19.94 -8.61 12.94
N GLY D 207 -19.92 -7.49 13.63
CA GLY D 207 -18.97 -7.26 14.69
C GLY D 207 -17.53 -7.12 14.25
N PHE D 208 -17.30 -6.72 13.00
CA PHE D 208 -15.92 -6.56 12.52
C PHE D 208 -15.39 -5.14 12.57
N TYR D 209 -14.06 -5.02 12.59
CA TYR D 209 -13.37 -3.75 12.54
C TYR D 209 -11.93 -3.98 12.05
N PRO D 210 -11.45 -3.13 11.14
CA PRO D 210 -12.14 -1.97 10.58
C PRO D 210 -13.21 -2.34 9.56
N ALA D 211 -13.78 -1.32 8.92
CA ALA D 211 -14.96 -1.47 8.06
C ALA D 211 -14.73 -2.22 6.75
N ASP D 212 -13.49 -2.19 6.27
CA ASP D 212 -13.17 -2.79 4.97
C ASP D 212 -13.43 -4.29 5.00
N ILE D 213 -14.26 -4.74 4.06
CA ILE D 213 -14.63 -6.15 3.99
C ILE D 213 -15.15 -6.52 2.60
N THR D 214 -15.14 -7.82 2.29
CA THR D 214 -15.74 -8.35 1.07
C THR D 214 -16.53 -9.62 1.37
N LEU D 215 -17.74 -9.71 0.81
CA LEU D 215 -18.57 -10.90 0.90
C LEU D 215 -18.83 -11.39 -0.51
N THR D 216 -18.73 -12.68 -0.73
CA THR D 216 -19.03 -13.21 -2.05
C THR D 216 -19.87 -14.45 -1.93
N TRP D 217 -20.71 -14.69 -2.93
CA TRP D 217 -21.38 -15.97 -3.05
C TRP D 217 -20.85 -16.74 -4.24
N GLN D 218 -20.59 -18.02 -4.03
CA GLN D 218 -20.17 -18.89 -5.11
C GLN D 218 -21.14 -20.06 -5.29
N LEU D 219 -21.40 -20.41 -6.54
CA LEU D 219 -22.06 -21.65 -6.88
C LEU D 219 -20.97 -22.58 -7.37
N ASN D 220 -20.69 -23.63 -6.60
CA ASN D 220 -19.47 -24.43 -6.77
C ASN D 220 -18.25 -23.64 -6.31
N GLY D 221 -17.51 -23.14 -7.28
CA GLY D 221 -16.34 -22.31 -7.03
C GLY D 221 -16.22 -21.20 -8.07
N GLU D 222 -17.34 -20.53 -8.33
CA GLU D 222 -17.39 -19.41 -9.27
C GLU D 222 -18.30 -18.31 -8.74
N GLU D 223 -17.75 -17.08 -8.67
CA GLU D 223 -18.44 -15.96 -8.03
C GLU D 223 -19.67 -15.46 -8.77
N LEU D 224 -20.81 -15.45 -8.07
CA LEU D 224 -22.06 -14.94 -8.64
C LEU D 224 -22.02 -13.43 -8.72
N ILE D 225 -21.37 -12.92 -9.76
CA ILE D 225 -21.29 -11.49 -9.98
C ILE D 225 -22.67 -10.97 -10.40
N GLN D 226 -23.49 -11.87 -10.91
CA GLN D 226 -24.83 -11.53 -11.35
C GLN D 226 -25.85 -11.60 -10.20
N ASP D 227 -26.65 -10.56 -10.05
CA ASP D 227 -27.81 -10.61 -9.18
C ASP D 227 -27.50 -10.91 -7.71
N MET D 228 -26.32 -10.54 -7.24
CA MET D 228 -26.08 -10.58 -5.80
C MET D 228 -26.53 -9.25 -5.22
N GLU D 229 -27.48 -9.28 -4.28
CA GLU D 229 -27.88 -8.08 -3.55
C GLU D 229 -26.97 -7.89 -2.35
N LEU D 230 -26.74 -6.66 -1.96
CA LEU D 230 -25.99 -6.40 -0.74
C LEU D 230 -26.37 -5.03 -0.17
N VAL D 231 -25.81 -4.70 0.98
CA VAL D 231 -25.99 -3.38 1.56
C VAL D 231 -24.63 -2.75 1.74
N GLU D 232 -24.59 -1.42 1.74
CA GLU D 232 -23.35 -0.73 2.07
C GLU D 232 -23.00 -1.13 3.50
N THR D 233 -21.71 -1.26 3.76
CA THR D 233 -21.23 -1.55 5.10
C THR D 233 -21.72 -0.43 6.03
N ARG D 234 -22.10 -0.81 7.24
CA ARG D 234 -22.81 0.10 8.13
C ARG D 234 -22.42 -0.15 9.58
N PRO D 235 -22.40 0.91 10.39
CA PRO D 235 -21.96 0.80 11.78
C PRO D 235 -23.03 0.17 12.66
N ALA D 236 -22.63 -0.73 13.54
CA ALA D 236 -23.58 -1.33 14.49
C ALA D 236 -23.90 -0.30 15.57
N GLY D 237 -23.02 0.68 15.71
CA GLY D 237 -23.20 1.73 16.71
C GLY D 237 -22.31 1.52 17.91
N ASP D 238 -21.61 0.38 17.96
CA ASP D 238 -20.76 0.07 19.10
C ASP D 238 -19.27 0.03 18.74
N GLY D 239 -18.92 0.61 17.60
CA GLY D 239 -17.55 0.63 17.12
C GLY D 239 -17.28 -0.38 16.01
N THR D 240 -18.14 -1.37 15.88
CA THR D 240 -17.98 -2.40 14.86
C THR D 240 -18.94 -2.20 13.69
N PHE D 241 -18.79 -3.02 12.66
CA PHE D 241 -19.54 -2.85 11.43
C PHE D 241 -20.30 -4.11 11.00
N GLN D 242 -21.28 -3.92 10.11
CA GLN D 242 -22.10 -5.02 9.61
C GLN D 242 -22.12 -4.98 8.09
N LYS D 243 -22.30 -6.13 7.46
CA LYS D 243 -22.62 -6.18 6.05
C LYS D 243 -23.32 -7.49 5.77
N TRP D 244 -24.19 -7.51 4.75
CA TRP D 244 -24.66 -8.80 4.22
C TRP D 244 -24.68 -8.81 2.70
N ALA D 245 -24.62 -10.02 2.14
CA ALA D 245 -24.82 -10.22 0.72
C ALA D 245 -25.80 -11.37 0.59
N SER D 246 -26.74 -11.27 -0.36
CA SER D 246 -27.72 -12.33 -0.55
C SER D 246 -27.83 -12.74 -1.99
N VAL D 247 -28.26 -13.99 -2.20
CA VAL D 247 -28.54 -14.50 -3.54
C VAL D 247 -29.85 -15.24 -3.48
N VAL D 248 -30.56 -15.26 -4.62
CA VAL D 248 -31.76 -16.07 -4.76
C VAL D 248 -31.41 -17.37 -5.46
N VAL D 249 -31.85 -18.49 -4.90
CA VAL D 249 -31.47 -19.79 -5.43
C VAL D 249 -32.68 -20.70 -5.47
N PRO D 250 -32.57 -21.82 -6.21
CA PRO D 250 -33.68 -22.79 -6.27
C PRO D 250 -33.94 -23.45 -4.92
N LEU D 251 -35.22 -23.58 -4.55
CA LEU D 251 -35.61 -24.33 -3.37
C LEU D 251 -35.00 -25.71 -3.58
N GLY D 252 -34.38 -26.26 -2.54
CA GLY D 252 -33.77 -27.58 -2.66
C GLY D 252 -32.28 -27.54 -2.97
N LYS D 253 -31.81 -26.44 -3.55
CA LYS D 253 -30.39 -26.33 -3.93
C LYS D 253 -29.51 -25.46 -3.02
N GLU D 254 -30.03 -25.12 -1.84
CA GLU D 254 -29.31 -24.27 -0.89
C GLU D 254 -27.88 -24.73 -0.61
N GLN D 255 -27.66 -26.03 -0.52
CA GLN D 255 -26.34 -26.58 -0.18
C GLN D 255 -25.34 -26.53 -1.33
N TYR D 256 -25.77 -26.01 -2.47
CA TYR D 256 -24.84 -25.87 -3.59
C TYR D 256 -24.15 -24.51 -3.58
N TYR D 257 -24.49 -23.67 -2.61
CA TYR D 257 -23.94 -22.31 -2.54
C TYR D 257 -23.08 -22.09 -1.32
N THR D 258 -22.05 -21.27 -1.50
CA THR D 258 -21.07 -21.05 -0.46
C THR D 258 -20.83 -19.56 -0.35
N CYS D 259 -20.84 -19.04 0.87
CA CYS D 259 -20.49 -17.63 1.06
C CYS D 259 -19.05 -17.54 1.56
N HIS D 260 -18.30 -16.56 1.04
CA HIS D 260 -16.94 -16.27 1.50
C HIS D 260 -16.83 -14.86 2.08
N VAL D 261 -16.09 -14.73 3.18
CA VAL D 261 -15.92 -13.46 3.87
C VAL D 261 -14.42 -13.12 3.92
N TYR D 262 -14.06 -11.94 3.42
CA TYR D 262 -12.66 -11.51 3.40
C TYR D 262 -12.43 -10.29 4.28
N HIS D 263 -11.54 -10.44 5.27
CA HIS D 263 -11.24 -9.34 6.19
C HIS D 263 -9.81 -9.44 6.73
N GLN D 264 -9.18 -8.29 6.92
CA GLN D 264 -7.80 -8.24 7.34
C GLN D 264 -7.61 -8.88 8.70
N GLY D 265 -8.70 -8.99 9.46
CA GLY D 265 -8.60 -9.51 10.79
C GLY D 265 -8.52 -11.02 10.80
N LEU D 266 -8.96 -11.65 9.71
CA LEU D 266 -9.03 -13.09 9.65
C LEU D 266 -7.67 -13.72 9.34
N PRO D 267 -7.34 -14.82 10.04
CA PRO D 267 -6.13 -15.58 9.66
C PRO D 267 -6.26 -16.06 8.23
N GLU D 268 -7.49 -16.35 7.80
CA GLU D 268 -7.80 -16.72 6.42
C GLU D 268 -9.30 -16.55 6.20
N PRO D 269 -9.71 -16.39 4.94
CA PRO D 269 -11.13 -16.09 4.67
C PRO D 269 -12.09 -17.12 5.26
N LEU D 270 -13.29 -16.68 5.65
CA LEU D 270 -14.34 -17.57 6.14
C LEU D 270 -15.09 -18.20 4.97
N THR D 271 -15.52 -19.44 5.16
CA THR D 271 -16.33 -20.15 4.19
C THR D 271 -17.51 -20.73 4.97
N LEU D 272 -18.73 -20.55 4.47
CA LEU D 272 -19.90 -21.06 5.20
C LEU D 272 -21.12 -21.25 4.29
N ARG D 273 -22.07 -22.06 4.76
CA ARG D 273 -23.32 -22.31 4.05
C ARG D 273 -24.54 -22.19 4.95
N TRP D 274 -25.72 -22.17 4.34
CA TRP D 274 -26.96 -22.32 5.09
C TRP D 274 -26.89 -23.62 5.86
N GLU D 275 -27.17 -23.56 7.14
CA GLU D 275 -27.27 -24.75 7.96
C GLU D 275 -28.74 -24.96 8.28
N PRO D 276 -29.36 -25.96 7.64
CA PRO D 276 -30.79 -26.26 7.82
C PRO D 276 -31.10 -26.65 9.26
N PRO D 277 -32.40 -26.70 9.62
CA PRO D 277 -32.84 -26.94 11.00
C PRO D 277 -32.30 -28.26 11.54
N PRO D 278 -31.71 -28.23 12.75
CA PRO D 278 -31.27 -29.46 13.42
C PRO D 278 -32.43 -30.40 13.68
N ILE E 1 -25.73 23.13 -5.03
CA ILE E 1 -25.76 21.68 -5.26
C ILE E 1 -26.34 20.96 -4.05
N GLN E 2 -27.21 20.00 -4.31
CA GLN E 2 -27.82 19.23 -3.23
C GLN E 2 -27.75 17.75 -3.51
N LYS E 3 -27.46 16.98 -2.46
CA LYS E 3 -27.37 15.53 -2.58
C LYS E 3 -28.39 14.88 -1.66
N THR E 4 -29.07 13.86 -2.17
CA THR E 4 -30.15 13.18 -1.47
C THR E 4 -29.65 12.11 -0.49
N PRO E 5 -30.17 12.13 0.75
CA PRO E 5 -29.70 11.16 1.73
C PRO E 5 -30.04 9.73 1.37
N GLN E 6 -29.10 8.82 1.62
CA GLN E 6 -29.36 7.39 1.54
C GLN E 6 -29.61 6.92 2.96
N ILE E 7 -30.54 5.98 3.11
CA ILE E 7 -30.95 5.54 4.42
C ILE E 7 -30.92 4.04 4.58
N GLN E 8 -30.45 3.58 5.74
CA GLN E 8 -30.61 2.19 6.13
C GLN E 8 -31.17 2.14 7.54
N VAL E 9 -32.15 1.28 7.74
CA VAL E 9 -32.72 1.06 9.06
C VAL E 9 -32.50 -0.40 9.44
N TYR E 10 -31.87 -0.64 10.58
CA TYR E 10 -31.48 -1.99 10.98
C TYR E 10 -31.14 -2.05 12.46
N SER E 11 -31.17 -3.26 13.02
CA SER E 11 -30.85 -3.49 14.43
C SER E 11 -29.35 -3.71 14.66
N ARG E 12 -28.88 -3.35 15.85
CA ARG E 12 -27.47 -3.55 16.19
C ARG E 12 -27.13 -5.02 16.29
N HIS E 13 -28.06 -5.80 16.84
CA HIS E 13 -27.88 -7.23 16.94
C HIS E 13 -29.04 -7.89 16.20
N PRO E 14 -28.86 -9.16 15.80
CA PRO E 14 -29.95 -9.87 15.12
C PRO E 14 -31.19 -9.85 16.02
N PRO E 15 -32.33 -9.43 15.47
CA PRO E 15 -33.54 -9.23 16.28
C PRO E 15 -34.12 -10.54 16.81
N GLU E 16 -34.56 -10.50 18.06
CA GLU E 16 -35.17 -11.66 18.67
C GLU E 16 -36.36 -11.13 19.46
N ASN E 17 -37.56 -11.59 19.16
CA ASN E 17 -38.74 -11.09 19.84
C ASN E 17 -38.62 -11.15 21.35
N GLY E 18 -38.92 -10.04 22.00
CA GLY E 18 -38.85 -9.93 23.45
C GLY E 18 -37.47 -9.58 24.01
N LYS E 19 -36.51 -9.42 23.11
N LYS E 19 -36.50 -9.44 23.12
CA LYS E 19 -35.11 -9.20 23.49
CA LYS E 19 -35.12 -9.17 23.51
C LYS E 19 -34.67 -7.74 23.21
C LYS E 19 -34.70 -7.73 23.22
N PRO E 20 -34.26 -7.02 24.27
CA PRO E 20 -33.82 -5.63 24.10
C PRO E 20 -32.70 -5.54 23.07
N ASN E 21 -32.75 -4.50 22.25
CA ASN E 21 -31.86 -4.35 21.12
C ASN E 21 -31.74 -2.86 20.84
N ILE E 22 -31.06 -2.50 19.76
CA ILE E 22 -30.93 -1.10 19.38
C ILE E 22 -31.36 -0.98 17.94
N LEU E 23 -32.20 0.00 17.64
CA LEU E 23 -32.62 0.22 16.26
C LEU E 23 -31.87 1.41 15.67
N ASN E 24 -31.22 1.19 14.53
CA ASN E 24 -30.36 2.20 13.92
C ASN E 24 -31.02 2.78 12.70
N CYS E 25 -30.75 4.06 12.42
CA CYS E 25 -31.09 4.67 11.15
C CYS E 25 -29.87 5.46 10.65
N TYR E 26 -29.20 4.89 9.66
CA TYR E 26 -27.92 5.40 9.19
C TYR E 26 -28.16 6.19 7.95
N VAL E 27 -27.84 7.48 8.01
CA VAL E 27 -28.16 8.38 6.93
C VAL E 27 -26.87 8.96 6.38
N THR E 28 -26.68 8.85 5.07
CA THR E 28 -25.42 9.20 4.43
C THR E 28 -25.67 9.99 3.14
N GLN E 29 -24.58 10.46 2.54
CA GLN E 29 -24.59 11.06 1.20
C GLN E 29 -25.45 12.30 1.04
N PHE E 30 -25.66 13.05 2.11
CA PHE E 30 -26.50 14.24 1.98
C PHE E 30 -25.69 15.54 2.11
N HIS E 31 -26.25 16.61 1.58
CA HIS E 31 -25.66 17.93 1.65
C HIS E 31 -26.79 18.82 1.17
N PRO E 32 -27.07 19.93 1.89
CA PRO E 32 -26.34 20.49 3.03
C PRO E 32 -26.46 19.66 4.32
N PRO E 33 -25.67 20.00 5.33
CA PRO E 33 -25.65 19.16 6.55
C PRO E 33 -26.92 19.25 7.38
N HIS E 34 -27.72 20.29 7.23
CA HIS E 34 -28.94 20.35 8.03
C HIS E 34 -29.89 19.24 7.62
N ILE E 35 -30.27 18.40 8.58
CA ILE E 35 -31.18 17.30 8.30
C ILE E 35 -32.06 16.99 9.52
N GLU E 36 -33.29 16.55 9.25
CA GLU E 36 -34.22 16.20 10.32
C GLU E 36 -34.62 14.73 10.27
N ILE E 37 -34.24 14.00 11.32
CA ILE E 37 -34.35 12.55 11.36
C ILE E 37 -35.19 12.09 12.54
N GLN E 38 -36.26 11.33 12.26
CA GLN E 38 -37.03 10.75 13.34
C GLN E 38 -37.30 9.28 13.11
N MET E 39 -37.52 8.58 14.20
CA MET E 39 -37.86 7.19 14.13
C MET E 39 -39.29 7.02 14.62
N LEU E 40 -40.00 6.08 14.01
CA LEU E 40 -41.44 5.91 14.26
C LEU E 40 -41.77 4.50 14.68
N LYS E 41 -42.56 4.38 15.75
CA LYS E 41 -43.08 3.09 16.16
C LYS E 41 -44.60 3.04 15.90
N ASN E 42 -45.01 2.11 15.05
CA ASN E 42 -46.41 1.96 14.71
C ASN E 42 -47.08 3.26 14.25
N GLY E 43 -46.33 4.11 13.55
CA GLY E 43 -46.90 5.31 12.99
C GLY E 43 -46.67 6.56 13.81
N LYS E 44 -46.15 6.41 15.02
CA LYS E 44 -45.93 7.55 15.90
C LYS E 44 -44.47 7.78 16.30
N LYS E 45 -44.07 9.05 16.28
CA LYS E 45 -42.69 9.43 16.62
C LYS E 45 -42.23 8.83 17.94
N ILE E 46 -41.01 8.32 17.93
CA ILE E 46 -40.35 7.80 19.12
C ILE E 46 -39.62 8.95 19.77
N PRO E 47 -39.96 9.26 21.04
CA PRO E 47 -39.45 10.44 21.73
C PRO E 47 -37.93 10.42 21.92
N LYS E 48 -37.39 9.32 22.42
CA LYS E 48 -35.98 9.27 22.80
C LYS E 48 -35.08 8.67 21.70
N VAL E 49 -34.71 9.49 20.73
CA VAL E 49 -33.81 9.04 19.66
C VAL E 49 -32.51 9.83 19.70
N GLU E 50 -31.40 9.11 19.90
CA GLU E 50 -30.08 9.71 20.02
C GLU E 50 -29.42 9.85 18.67
N MET E 51 -28.51 10.83 18.55
CA MET E 51 -27.81 11.09 17.30
C MET E 51 -26.29 11.07 17.50
N SER E 52 -25.57 10.39 16.60
CA SER E 52 -24.13 10.43 16.64
C SER E 52 -23.78 11.85 16.23
N ASP E 53 -22.58 12.31 16.57
CA ASP E 53 -22.10 13.57 16.02
C ASP E 53 -22.07 13.42 14.51
N MET E 54 -22.10 14.52 13.78
CA MET E 54 -22.11 14.41 12.33
C MET E 54 -20.69 14.49 11.80
N SER E 55 -20.44 13.72 10.75
CA SER E 55 -19.15 13.71 10.08
C SER E 55 -19.38 13.86 8.59
N PHE E 56 -18.30 14.00 7.83
CA PHE E 56 -18.41 14.02 6.38
C PHE E 56 -17.31 13.16 5.75
N SER E 57 -17.56 12.72 4.53
CA SER E 57 -16.65 11.81 3.86
C SER E 57 -15.82 12.55 2.83
N LYS E 58 -14.86 11.84 2.24
CA LYS E 58 -13.89 12.46 1.34
C LYS E 58 -14.59 13.12 0.17
N ASP E 59 -15.80 12.66 -0.13
CA ASP E 59 -16.58 13.27 -1.21
C ASP E 59 -17.43 14.46 -0.75
N TRP E 60 -17.20 14.90 0.49
CA TRP E 60 -17.83 16.10 1.08
C TRP E 60 -19.21 15.85 1.68
N SER E 61 -19.83 14.73 1.32
CA SER E 61 -21.18 14.45 1.79
C SER E 61 -21.19 14.03 3.25
N PHE E 62 -22.24 14.39 3.95
CA PHE E 62 -22.31 14.15 5.38
C PHE E 62 -22.96 12.82 5.70
N TYR E 63 -22.70 12.32 6.91
CA TYR E 63 -23.39 11.13 7.41
C TYR E 63 -23.58 11.26 8.90
N ILE E 64 -24.58 10.53 9.38
CA ILE E 64 -24.94 10.56 10.78
C ILE E 64 -25.70 9.28 11.12
N LEU E 65 -25.67 8.89 12.39
CA LEU E 65 -26.37 7.69 12.83
C LEU E 65 -27.30 8.00 13.98
N ALA E 66 -28.59 7.79 13.76
CA ALA E 66 -29.59 7.93 14.81
C ALA E 66 -29.90 6.54 15.30
N HIS E 67 -30.15 6.41 16.59
CA HIS E 67 -30.45 5.11 17.19
C HIS E 67 -31.35 5.23 18.41
N THR E 68 -32.04 4.15 18.73
CA THR E 68 -32.98 4.13 19.84
C THR E 68 -33.09 2.71 20.39
N GLU E 69 -33.28 2.58 21.70
CA GLU E 69 -33.52 1.29 22.31
C GLU E 69 -34.88 0.78 21.88
N PHE E 70 -34.97 -0.52 21.63
CA PHE E 70 -36.27 -1.12 21.35
C PHE E 70 -36.24 -2.61 21.61
N THR E 71 -37.43 -3.17 21.84
CA THR E 71 -37.58 -4.60 22.05
C THR E 71 -38.56 -5.09 21.02
N PRO E 72 -38.05 -5.72 19.96
CA PRO E 72 -38.91 -6.16 18.85
C PRO E 72 -39.97 -7.16 19.29
N THR E 73 -41.11 -7.10 18.61
CA THR E 73 -42.16 -8.09 18.75
C THR E 73 -42.52 -8.52 17.36
N GLU E 74 -43.40 -9.52 17.25
CA GLU E 74 -43.73 -10.05 15.95
C GLU E 74 -44.48 -9.05 15.06
N THR E 75 -45.22 -8.13 15.68
CA THR E 75 -46.15 -7.30 14.93
C THR E 75 -45.89 -5.78 14.96
N ASP E 76 -44.96 -5.33 15.81
CA ASP E 76 -44.67 -3.90 15.87
C ASP E 76 -43.93 -3.45 14.62
N THR E 77 -44.30 -2.28 14.10
CA THR E 77 -43.69 -1.73 12.90
C THR E 77 -42.78 -0.57 13.29
N TYR E 78 -41.59 -0.52 12.69
CA TYR E 78 -40.66 0.59 12.92
C TYR E 78 -40.23 1.19 11.60
N ALA E 79 -40.00 2.50 11.60
CA ALA E 79 -39.56 3.17 10.38
C ALA E 79 -38.66 4.34 10.77
N CYS E 80 -37.90 4.82 9.79
CA CYS E 80 -37.12 6.03 9.97
C CYS E 80 -37.55 7.03 8.91
N ARG E 81 -37.77 8.28 9.32
CA ARG E 81 -38.26 9.30 8.43
C ARG E 81 -37.28 10.47 8.42
N VAL E 82 -36.90 10.88 7.23
CA VAL E 82 -35.86 11.87 7.07
C VAL E 82 -36.39 13.02 6.25
N LYS E 83 -36.21 14.22 6.77
CA LYS E 83 -36.58 15.41 6.05
C LYS E 83 -35.30 16.17 5.72
N HIS E 84 -35.11 16.49 4.45
CA HIS E 84 -33.90 17.15 3.98
C HIS E 84 -34.25 17.98 2.75
N ASP E 85 -33.61 19.13 2.60
CA ASP E 85 -33.95 20.06 1.53
C ASP E 85 -33.82 19.50 0.11
N SER E 86 -33.03 18.44 -0.07
CA SER E 86 -32.89 17.80 -1.38
C SER E 86 -34.14 17.04 -1.78
N MET E 87 -35.11 16.96 -0.87
CA MET E 87 -36.35 16.21 -1.11
C MET E 87 -37.58 17.04 -0.83
N ALA E 88 -38.49 17.08 -1.80
CA ALA E 88 -39.76 17.79 -1.63
C ALA E 88 -40.52 17.24 -0.44
N GLU E 89 -40.58 15.91 -0.33
CA GLU E 89 -41.28 15.28 0.77
C GLU E 89 -40.34 14.47 1.67
N PRO E 90 -40.74 14.23 2.93
CA PRO E 90 -39.94 13.41 3.83
C PRO E 90 -39.83 12.01 3.28
N LYS E 91 -38.65 11.41 3.39
CA LYS E 91 -38.46 10.04 2.95
C LYS E 91 -38.59 9.11 4.15
N THR E 92 -39.44 8.10 4.02
CA THR E 92 -39.68 7.14 5.09
C THR E 92 -39.20 5.75 4.67
N VAL E 93 -38.53 5.06 5.58
CA VAL E 93 -37.98 3.74 5.29
C VAL E 93 -38.30 2.81 6.44
N TYR E 94 -38.98 1.70 6.14
CA TYR E 94 -39.40 0.77 7.18
C TYR E 94 -38.36 -0.27 7.53
N TRP E 95 -38.30 -0.62 8.81
CA TRP E 95 -37.46 -1.71 9.27
C TRP E 95 -37.94 -3.04 8.70
N ASP E 96 -36.99 -3.78 8.13
CA ASP E 96 -37.24 -5.16 7.70
C ASP E 96 -36.29 -6.03 8.49
N ARG E 97 -36.82 -6.84 9.39
CA ARG E 97 -35.99 -7.60 10.31
C ARG E 97 -35.13 -8.64 9.60
N ASP E 98 -35.41 -8.89 8.32
CA ASP E 98 -34.57 -9.82 7.57
C ASP E 98 -33.44 -9.10 6.85
N MET E 99 -33.26 -7.81 7.10
CA MET E 99 -32.29 -7.04 6.33
C MET E 99 -31.49 -6.13 7.22
N SER F 1 3.34 -23.03 -5.29
CA SER F 1 3.50 -24.00 -6.35
C SER F 1 3.37 -23.28 -7.69
N ILE F 2 4.42 -23.37 -8.49
CA ILE F 2 4.47 -22.67 -9.78
C ILE F 2 3.49 -23.30 -10.76
N ILE F 3 2.95 -22.51 -11.67
CA ILE F 3 2.03 -23.00 -12.70
C ILE F 3 2.74 -23.93 -13.69
N ASN F 4 1.98 -24.79 -14.38
CA ASN F 4 2.49 -25.52 -15.52
C ASN F 4 2.42 -24.62 -16.75
N PHE F 5 3.58 -24.33 -17.34
CA PHE F 5 3.64 -23.39 -18.44
C PHE F 5 3.15 -23.99 -19.76
N GLU F 6 2.52 -23.15 -20.59
CA GLU F 6 2.05 -23.58 -21.90
C GLU F 6 2.98 -23.07 -22.99
N LYS F 7 3.08 -23.83 -24.08
CA LYS F 7 4.03 -23.53 -25.14
C LYS F 7 3.76 -22.21 -25.87
N LEU F 8 4.85 -21.55 -26.23
CA LEU F 8 4.83 -20.28 -26.93
C LEU F 8 4.49 -20.48 -28.39
#